data_8CZG
#
_entry.id   8CZG
#
_cell.length_a   48.290
_cell.length_b   65.260
_cell.length_c   111.570
_cell.angle_alpha   90.000
_cell.angle_beta   102.120
_cell.angle_gamma   90.000
#
_symmetry.space_group_name_H-M   'P 1 21 1'
#
loop_
_entity.id
_entity.type
_entity.pdbx_description
1 polymer 'Bcl-2 homologous antagonist/killer'
2 polymer 'dF3 peptide'
3 water water
#
loop_
_entity_poly.entity_id
_entity_poly.type
_entity_poly.pdbx_seq_one_letter_code
_entity_poly.pdbx_strand_id
1 'polypeptide(L)'
;GPLGSMSEEQVAQDTEEVFRSYVFYRHQQEQEAEGVAAPADPEMVTLPLQPSSTMGQVGRQLAIIGDDINRRYDSEFQTM
LQHLQPTAENAYEYFTKIATSLFESGINWGRVVALLGFGYRLALHVYQHGLTGFLGQVTRFVVDFMLHHSIARWIAQRGG
WVAALNLGNG
;
A,B,C,D
2 'polypeptide(L)' (ACE)SLLEKLAEELRQLADELNKKFEK(NH2) E,F,G,H
#
# COMPACT_ATOMS: atom_id res chain seq x y z
N SER A 5 -41.13 14.81 -10.76
CA SER A 5 -41.68 15.21 -9.46
C SER A 5 -40.55 15.45 -8.46
N MET A 6 -39.41 14.79 -8.67
CA MET A 6 -38.28 14.93 -7.75
C MET A 6 -36.96 14.54 -8.44
N SER A 7 -36.40 15.47 -9.20
CA SER A 7 -35.21 15.14 -9.98
C SER A 7 -33.98 15.09 -9.08
N GLU A 8 -32.88 14.59 -9.65
CA GLU A 8 -31.62 14.57 -8.93
C GLU A 8 -31.14 15.98 -8.65
N GLU A 9 -31.33 16.90 -9.59
CA GLU A 9 -30.91 18.28 -9.40
C GLU A 9 -31.69 18.94 -8.27
N GLN A 10 -32.99 18.62 -8.15
CA GLN A 10 -33.78 19.17 -7.06
C GLN A 10 -33.26 18.70 -5.70
N VAL A 11 -32.92 17.42 -5.60
CA VAL A 11 -32.35 16.92 -4.35
C VAL A 11 -31.00 17.58 -4.08
N ALA A 12 -30.20 17.78 -5.12
CA ALA A 12 -28.90 18.42 -4.95
C ALA A 12 -29.03 19.82 -4.37
N GLN A 13 -29.97 20.61 -4.90
CA GLN A 13 -30.20 21.94 -4.35
C GLN A 13 -30.70 21.85 -2.92
N ASP A 14 -31.59 20.89 -2.63
CA ASP A 14 -32.06 20.70 -1.27
C ASP A 14 -30.92 20.28 -0.35
N THR A 15 -29.99 19.45 -0.85
CA THR A 15 -28.89 18.98 -0.02
C THR A 15 -28.05 20.14 0.50
N GLU A 16 -27.76 21.11 -0.36
CA GLU A 16 -27.00 22.28 0.06
C GLU A 16 -27.71 23.01 1.19
N GLU A 17 -29.04 23.11 1.12
CA GLU A 17 -29.79 23.78 2.16
C GLU A 17 -29.78 22.96 3.45
N VAL A 18 -30.00 21.65 3.34
CA VAL A 18 -29.96 20.78 4.50
C VAL A 18 -28.59 20.84 5.17
N PHE A 19 -27.53 20.76 4.35
CA PHE A 19 -26.19 20.70 4.91
C PHE A 19 -25.83 21.99 5.64
N ARG A 20 -26.23 23.15 5.10
CA ARG A 20 -25.93 24.40 5.78
C ARG A 20 -26.58 24.43 7.16
N SER A 21 -27.86 24.04 7.24
CA SER A 21 -28.51 23.96 8.55
C SER A 21 -27.83 22.91 9.43
N TYR A 22 -27.50 21.76 8.85
CA TYR A 22 -26.78 20.73 9.61
C TYR A 22 -25.50 21.29 10.21
N VAL A 23 -24.71 22.00 9.40
CA VAL A 23 -23.44 22.54 9.89
C VAL A 23 -23.67 23.55 11.00
N PHE A 24 -24.62 24.48 10.79
CA PHE A 24 -24.81 25.54 11.78
C PHE A 24 -25.28 24.98 13.12
N TYR A 25 -26.30 24.12 13.10
CA TYR A 25 -26.87 23.66 14.36
C TYR A 25 -26.00 22.60 15.02
N ARG A 26 -25.32 21.76 14.25
CA ARG A 26 -24.38 20.82 14.86
C ARG A 26 -23.25 21.57 15.55
N HIS A 27 -22.70 22.60 14.90
CA HIS A 27 -21.65 23.37 15.53
C HIS A 27 -22.18 24.14 16.75
N GLN A 28 -23.40 24.68 16.64
CA GLN A 28 -23.98 25.40 17.78
C GLN A 28 -24.11 24.50 18.98
N GLN A 29 -24.54 23.24 18.78
CA GLN A 29 -24.60 22.29 19.88
C GLN A 29 -23.23 22.08 20.52
N GLU A 30 -22.23 21.74 19.70
CA GLU A 30 -20.92 21.36 20.21
C GLU A 30 -20.21 22.52 20.87
N GLN A 31 -20.59 23.75 20.57
CA GLN A 31 -20.00 24.90 21.25
C GLN A 31 -20.72 25.21 22.56
N PRO A 39 -12.18 25.72 20.34
CA PRO A 39 -12.44 27.07 19.82
C PRO A 39 -13.45 27.08 18.69
N ALA A 40 -14.38 28.03 18.73
CA ALA A 40 -15.46 28.09 17.76
C ALA A 40 -14.95 28.44 16.37
N ASP A 41 -15.60 27.87 15.36
CA ASP A 41 -15.35 28.17 13.95
C ASP A 41 -16.27 29.28 13.51
N PRO A 42 -15.78 30.52 13.40
CA PRO A 42 -16.68 31.63 13.04
C PRO A 42 -17.37 31.45 11.70
N GLU A 43 -16.75 30.72 10.77
CA GLU A 43 -17.40 30.46 9.49
C GLU A 43 -18.68 29.65 9.66
N MET A 44 -18.71 28.78 10.67
CA MET A 44 -19.92 28.02 10.97
C MET A 44 -20.86 28.77 11.89
N VAL A 45 -20.32 29.63 12.77
CA VAL A 45 -21.18 30.44 13.63
C VAL A 45 -21.97 31.45 12.81
N THR A 46 -21.36 31.99 11.75
CA THR A 46 -21.98 33.04 10.96
C THR A 46 -22.55 32.55 9.64
N LEU A 47 -22.59 31.25 9.42
CA LEU A 47 -23.03 30.71 8.13
C LEU A 47 -24.46 31.15 7.83
N PRO A 48 -24.69 31.93 6.78
CA PRO A 48 -26.06 32.34 6.45
C PRO A 48 -26.93 31.17 6.03
N LEU A 49 -28.18 31.17 6.50
CA LEU A 49 -29.15 30.13 6.18
C LEU A 49 -30.39 30.74 5.55
N GLN A 50 -31.03 29.97 4.67
CA GLN A 50 -32.30 30.37 4.10
C GLN A 50 -33.38 30.42 5.18
N PRO A 51 -34.46 31.18 4.95
CA PRO A 51 -35.56 31.22 5.93
C PRO A 51 -36.05 29.82 6.29
N SER A 52 -36.53 29.70 7.52
CA SER A 52 -36.99 28.42 8.07
C SER A 52 -37.81 27.63 7.05
N SER A 53 -37.38 26.41 6.76
CA SER A 53 -38.03 25.57 5.78
C SER A 53 -37.99 24.12 6.21
N THR A 54 -38.69 23.27 5.45
CA THR A 54 -38.63 21.84 5.72
C THR A 54 -37.22 21.31 5.54
N MET A 55 -36.49 21.81 4.54
CA MET A 55 -35.11 21.37 4.36
C MET A 55 -34.24 21.83 5.53
N GLY A 56 -34.41 23.07 5.97
CA GLY A 56 -33.72 23.52 7.17
C GLY A 56 -34.06 22.67 8.38
N GLN A 57 -35.32 22.24 8.47
CA GLN A 57 -35.74 21.40 9.59
C GLN A 57 -35.05 20.05 9.57
N VAL A 58 -34.86 19.47 8.38
CA VAL A 58 -34.17 18.19 8.28
C VAL A 58 -32.75 18.32 8.82
N GLY A 59 -32.00 19.30 8.32
CA GLY A 59 -30.63 19.47 8.78
C GLY A 59 -30.52 19.72 10.27
N ARG A 60 -31.48 20.47 10.82
CA ARG A 60 -31.46 20.72 12.27
C ARG A 60 -31.77 19.44 13.05
N GLN A 61 -32.73 18.64 12.57
CA GLN A 61 -33.05 17.39 13.27
C GLN A 61 -31.92 16.39 13.14
N LEU A 62 -31.29 16.30 11.97
CA LEU A 62 -30.18 15.38 11.78
C LEU A 62 -28.99 15.77 12.64
N ALA A 63 -28.84 17.06 12.96
CA ALA A 63 -27.78 17.48 13.87
C ALA A 63 -28.05 17.00 15.30
N ILE A 64 -29.30 17.10 15.75
CA ILE A 64 -29.63 16.76 17.13
C ILE A 64 -29.47 15.27 17.39
N ILE A 65 -29.90 14.42 16.44
CA ILE A 65 -29.93 12.99 16.68
C ILE A 65 -28.52 12.42 16.89
N GLY A 66 -27.50 13.13 16.43
CA GLY A 66 -26.14 12.70 16.59
C GLY A 66 -25.42 13.30 17.77
N ASP A 67 -26.11 14.12 18.57
CA ASP A 67 -25.44 14.83 19.66
C ASP A 67 -24.63 13.90 20.54
N ASP A 68 -25.25 12.85 21.06
CA ASP A 68 -24.54 11.94 21.95
C ASP A 68 -23.49 11.13 21.20
N ILE A 69 -23.90 10.48 20.10
CA ILE A 69 -23.00 9.56 19.40
C ILE A 69 -21.76 10.27 18.89
N ASN A 70 -21.90 11.50 18.41
CA ASN A 70 -20.76 12.19 17.80
C ASN A 70 -19.63 12.37 18.81
N ARG A 71 -19.97 12.66 20.07
CA ARG A 71 -18.94 12.84 21.08
C ARG A 71 -18.13 11.56 21.30
N ARG A 72 -18.77 10.39 21.18
CA ARG A 72 -18.04 9.15 21.39
C ARG A 72 -17.04 8.89 20.27
N TYR A 73 -17.31 9.39 19.07
CA TYR A 73 -16.44 9.18 17.93
C TYR A 73 -15.43 10.29 17.71
N ASP A 74 -15.50 11.37 18.51
CA ASP A 74 -14.60 12.49 18.30
C ASP A 74 -13.14 12.07 18.36
N SER A 75 -12.77 11.34 19.41
CA SER A 75 -11.37 10.95 19.57
C SER A 75 -10.87 10.18 18.36
N GLU A 76 -11.70 9.27 17.83
CA GLU A 76 -11.27 8.45 16.70
C GLU A 76 -11.12 9.30 15.43
N PHE A 77 -12.17 10.04 15.05
CA PHE A 77 -12.10 10.82 13.82
C PHE A 77 -11.02 11.89 13.90
N GLN A 78 -10.90 12.54 15.05
CA GLN A 78 -9.92 13.62 15.18
C GLN A 78 -8.50 13.08 15.15
N THR A 79 -8.26 11.89 15.70
CA THR A 79 -6.94 11.28 15.58
C THR A 79 -6.64 10.91 14.13
N MET A 80 -7.62 10.33 13.43
CA MET A 80 -7.39 9.90 12.05
C MET A 80 -7.29 11.08 11.09
N LEU A 81 -8.04 12.16 11.34
CA LEU A 81 -7.90 13.35 10.50
C LEU A 81 -6.53 14.00 10.72
N GLN A 82 -6.04 14.02 11.96
CA GLN A 82 -4.68 14.50 12.20
C GLN A 82 -3.65 13.65 11.45
N HIS A 83 -3.83 12.33 11.45
CA HIS A 83 -2.94 11.48 10.67
C HIS A 83 -3.12 11.69 9.17
N LEU A 84 -4.34 12.02 8.74
CA LEU A 84 -4.60 12.18 7.32
C LEU A 84 -3.99 13.46 6.78
N GLN A 85 -3.95 14.51 7.59
CA GLN A 85 -3.42 15.81 7.18
C GLN A 85 -4.10 16.29 5.90
N PRO A 86 -5.42 16.44 5.90
CA PRO A 86 -6.10 16.91 4.70
C PRO A 86 -5.74 18.35 4.38
N THR A 87 -5.63 18.64 3.09
CA THR A 87 -5.26 19.97 2.60
C THR A 87 -6.18 20.39 1.47
N ALA A 88 -6.00 21.63 1.00
CA ALA A 88 -6.76 22.08 -0.17
C ALA A 88 -6.43 21.24 -1.39
N GLU A 89 -5.20 20.72 -1.49
CA GLU A 89 -4.81 19.99 -2.69
C GLU A 89 -5.34 18.55 -2.71
N ASN A 90 -5.51 17.93 -1.54
CA ASN A 90 -5.90 16.52 -1.48
C ASN A 90 -7.27 16.29 -0.86
N ALA A 91 -7.96 17.33 -0.40
CA ALA A 91 -9.25 17.12 0.26
C ALA A 91 -10.24 16.44 -0.67
N TYR A 92 -10.31 16.86 -1.93
CA TYR A 92 -11.26 16.28 -2.86
C TYR A 92 -10.99 14.79 -3.06
N GLU A 93 -9.74 14.43 -3.31
CA GLU A 93 -9.39 13.03 -3.52
C GLU A 93 -9.75 12.19 -2.30
N TYR A 94 -9.34 12.63 -1.12
CA TYR A 94 -9.57 11.86 0.10
C TYR A 94 -11.07 11.71 0.38
N PHE A 95 -11.84 12.80 0.23
CA PHE A 95 -13.27 12.71 0.46
C PHE A 95 -13.90 11.68 -0.47
N THR A 96 -13.56 11.73 -1.75
CA THR A 96 -14.20 10.86 -2.73
C THR A 96 -13.87 9.40 -2.46
N LYS A 97 -12.61 9.10 -2.11
CA LYS A 97 -12.25 7.72 -1.83
C LYS A 97 -12.94 7.22 -0.57
N ILE A 98 -12.99 8.05 0.48
CA ILE A 98 -13.63 7.65 1.73
C ILE A 98 -15.13 7.47 1.53
N ALA A 99 -15.76 8.42 0.82
CA ALA A 99 -17.20 8.33 0.59
C ALA A 99 -17.55 7.14 -0.29
N THR A 100 -16.71 6.84 -1.29
CA THR A 100 -16.95 5.68 -2.14
C THR A 100 -16.96 4.39 -1.33
N SER A 101 -15.95 4.21 -0.48
CA SER A 101 -15.89 3.00 0.33
C SER A 101 -17.06 2.91 1.29
N LEU A 102 -17.53 4.04 1.81
CA LEU A 102 -18.66 4.01 2.75
C LEU A 102 -19.90 3.42 2.11
N PHE A 103 -20.20 3.81 0.87
CA PHE A 103 -21.41 3.39 0.20
C PHE A 103 -21.20 2.19 -0.70
N GLU A 104 -20.02 1.57 -0.65
CA GLU A 104 -19.72 0.47 -1.57
C GLU A 104 -20.69 -0.69 -1.39
N SER A 105 -21.11 -0.96 -0.15
CA SER A 105 -21.99 -2.07 0.14
C SER A 105 -23.47 -1.68 0.16
N GLY A 106 -23.78 -0.43 -0.13
CA GLY A 106 -25.17 -0.01 -0.18
C GLY A 106 -25.44 1.37 0.37
N ILE A 107 -26.66 1.86 0.14
CA ILE A 107 -27.09 3.18 0.57
C ILE A 107 -28.20 3.01 1.61
N ASN A 108 -28.09 3.76 2.71
CA ASN A 108 -29.17 3.83 3.69
C ASN A 108 -29.09 5.19 4.38
N TRP A 109 -30.13 5.51 5.16
CA TRP A 109 -30.20 6.83 5.76
C TRP A 109 -29.05 7.07 6.74
N GLY A 110 -28.64 6.03 7.47
CA GLY A 110 -27.51 6.17 8.37
C GLY A 110 -26.24 6.59 7.67
N ARG A 111 -25.98 6.00 6.50
CA ARG A 111 -24.76 6.36 5.78
C ARG A 111 -24.87 7.74 5.14
N VAL A 112 -26.07 8.12 4.69
CA VAL A 112 -26.27 9.49 4.21
C VAL A 112 -25.98 10.49 5.32
N VAL A 113 -26.48 10.22 6.52
CA VAL A 113 -26.25 11.12 7.65
C VAL A 113 -24.77 11.09 8.04
N ALA A 114 -24.15 9.91 7.99
CA ALA A 114 -22.72 9.82 8.25
C ALA A 114 -21.91 10.64 7.24
N LEU A 115 -22.37 10.71 5.99
CA LEU A 115 -21.67 11.50 4.99
C LEU A 115 -21.76 12.99 5.30
N LEU A 116 -22.94 13.46 5.70
CA LEU A 116 -23.06 14.83 6.16
C LEU A 116 -22.12 15.09 7.32
N GLY A 117 -22.04 14.14 8.26
CA GLY A 117 -21.16 14.31 9.41
C GLY A 117 -19.70 14.36 9.04
N PHE A 118 -19.28 13.55 8.07
CA PHE A 118 -17.89 13.57 7.66
C PHE A 118 -17.55 14.89 6.96
N GLY A 119 -18.46 15.39 6.12
CA GLY A 119 -18.26 16.71 5.54
C GLY A 119 -18.09 17.77 6.60
N TYR A 120 -18.92 17.73 7.65
CA TYR A 120 -18.78 18.67 8.75
C TYR A 120 -17.41 18.52 9.42
N ARG A 121 -17.04 17.28 9.77
CA ARG A 121 -15.76 17.06 10.44
C ARG A 121 -14.59 17.50 9.55
N LEU A 122 -14.66 17.17 8.26
CA LEU A 122 -13.58 17.54 7.35
C LEU A 122 -13.47 19.06 7.23
N ALA A 123 -14.61 19.73 7.03
CA ALA A 123 -14.57 21.19 6.91
C ALA A 123 -14.07 21.84 8.19
N LEU A 124 -14.53 21.35 9.35
CA LEU A 124 -14.08 21.92 10.61
C LEU A 124 -12.58 21.68 10.83
N HIS A 125 -12.10 20.48 10.51
CA HIS A 125 -10.69 20.16 10.74
C HIS A 125 -9.79 21.07 9.91
N VAL A 126 -10.08 21.22 8.61
CA VAL A 126 -9.19 22.02 7.77
C VAL A 126 -9.21 23.48 8.22
N TYR A 127 -10.38 23.97 8.67
CA TYR A 127 -10.42 25.35 9.16
C TYR A 127 -9.51 25.52 10.37
N GLN A 128 -9.59 24.59 11.33
CA GLN A 128 -8.76 24.69 12.53
C GLN A 128 -7.28 24.66 12.21
N HIS A 129 -6.89 24.20 11.03
CA HIS A 129 -5.49 24.16 10.61
C HIS A 129 -5.16 25.23 9.58
N GLY A 130 -6.04 26.23 9.41
CA GLY A 130 -5.72 27.43 8.66
C GLY A 130 -6.39 27.58 7.32
N LEU A 131 -7.10 26.56 6.84
CA LEU A 131 -7.72 26.62 5.51
C LEU A 131 -9.09 27.28 5.62
N THR A 132 -9.11 28.60 5.43
CA THR A 132 -10.34 29.36 5.47
C THR A 132 -11.05 29.31 4.12
N GLY A 133 -12.31 29.75 4.11
CA GLY A 133 -13.06 29.86 2.87
C GLY A 133 -13.26 28.56 2.13
N PHE A 134 -13.20 27.43 2.82
CA PHE A 134 -13.27 26.12 2.20
C PHE A 134 -14.58 25.41 2.49
N LEU A 135 -15.46 26.03 3.28
CA LEU A 135 -16.71 25.38 3.67
C LEU A 135 -17.60 25.15 2.46
N GLY A 136 -17.60 26.09 1.51
CA GLY A 136 -18.37 25.90 0.28
C GLY A 136 -17.80 24.77 -0.57
N GLN A 137 -16.47 24.63 -0.57
CA GLN A 137 -15.84 23.53 -1.30
C GLN A 137 -16.28 22.18 -0.75
N VAL A 138 -16.31 22.05 0.59
CA VAL A 138 -16.71 20.78 1.20
C VAL A 138 -18.19 20.53 0.97
N THR A 139 -19.01 21.58 1.06
CA THR A 139 -20.42 21.43 0.74
C THR A 139 -20.58 20.87 -0.68
N ARG A 140 -19.81 21.39 -1.62
CA ARG A 140 -19.86 20.90 -3.00
C ARG A 140 -19.41 19.45 -3.09
N PHE A 141 -18.35 19.09 -2.37
CA PHE A 141 -17.94 17.70 -2.29
C PHE A 141 -19.13 16.81 -1.95
N VAL A 142 -19.85 17.19 -0.89
CA VAL A 142 -20.97 16.38 -0.43
C VAL A 142 -22.05 16.33 -1.51
N VAL A 143 -22.44 17.49 -2.04
CA VAL A 143 -23.53 17.54 -3.01
C VAL A 143 -23.15 16.75 -4.26
N ASP A 144 -21.98 17.03 -4.83
CA ASP A 144 -21.59 16.40 -6.08
C ASP A 144 -21.37 14.90 -5.90
N PHE A 145 -20.81 14.48 -4.77
CA PHE A 145 -20.62 13.05 -4.56
C PHE A 145 -21.97 12.34 -4.59
N MET A 146 -22.93 12.85 -3.82
CA MET A 146 -24.27 12.25 -3.81
C MET A 146 -24.85 12.20 -5.21
N LEU A 147 -24.70 13.28 -5.98
CA LEU A 147 -25.27 13.33 -7.32
C LEU A 147 -24.62 12.30 -8.23
N HIS A 148 -23.30 12.20 -8.18
CA HIS A 148 -22.57 11.33 -9.10
C HIS A 148 -22.54 9.88 -8.66
N HIS A 149 -22.86 9.58 -7.40
CA HIS A 149 -22.82 8.22 -6.88
C HIS A 149 -24.21 7.73 -6.48
N SER A 150 -25.23 8.16 -7.21
CA SER A 150 -26.58 7.63 -7.15
C SER A 150 -27.26 7.90 -5.81
N ILE A 151 -26.67 8.69 -4.93
CA ILE A 151 -27.29 8.94 -3.64
C ILE A 151 -28.41 9.95 -3.76
N ALA A 152 -28.22 11.00 -4.57
CA ALA A 152 -29.31 11.95 -4.81
C ALA A 152 -30.52 11.24 -5.40
N ARG A 153 -30.30 10.33 -6.34
CA ARG A 153 -31.41 9.55 -6.90
C ARG A 153 -32.04 8.67 -5.83
N TRP A 154 -31.23 8.01 -5.00
CA TRP A 154 -31.77 7.21 -3.91
C TRP A 154 -32.72 8.02 -3.05
N ILE A 155 -32.34 9.26 -2.71
CA ILE A 155 -33.21 10.08 -1.88
C ILE A 155 -34.49 10.42 -2.63
N ALA A 156 -34.37 10.68 -3.93
CA ALA A 156 -35.56 10.96 -4.73
C ALA A 156 -36.51 9.76 -4.74
N GLN A 157 -35.95 8.55 -4.81
CA GLN A 157 -36.78 7.35 -4.80
C GLN A 157 -37.56 7.22 -3.50
N ARG A 158 -37.01 7.73 -2.40
CA ARG A 158 -37.69 7.72 -1.10
C ARG A 158 -38.62 8.91 -0.93
N GLY A 159 -38.78 9.73 -1.95
CA GLY A 159 -39.66 10.88 -1.90
C GLY A 159 -38.98 12.20 -1.65
N GLY A 160 -37.65 12.24 -1.70
CA GLY A 160 -36.91 13.46 -1.43
C GLY A 160 -36.46 13.52 0.03
N TRP A 161 -35.81 14.64 0.35
CA TRP A 161 -35.30 14.86 1.70
C TRP A 161 -36.40 14.87 2.76
N VAL A 162 -37.67 15.06 2.37
CA VAL A 162 -38.72 15.07 3.37
C VAL A 162 -38.80 13.71 4.05
N ALA A 163 -38.39 12.64 3.36
CA ALA A 163 -38.38 11.32 3.97
C ALA A 163 -37.40 11.23 5.13
N ALA A 164 -36.40 12.11 5.17
CA ALA A 164 -35.47 12.15 6.30
C ALA A 164 -36.09 12.79 7.53
N LEU A 165 -37.28 13.37 7.41
CA LEU A 165 -37.91 14.03 8.55
C LEU A 165 -38.28 13.03 9.63
N ASN A 166 -37.99 13.39 10.88
CA ASN A 166 -38.37 12.59 12.06
C ASN A 166 -37.66 11.25 12.11
N LEU A 167 -36.53 11.09 11.42
CA LEU A 167 -35.75 9.87 11.56
C LEU A 167 -35.23 9.78 13.00
N GLY A 168 -35.61 8.72 13.70
CA GLY A 168 -35.23 8.57 15.09
C GLY A 168 -36.18 9.27 16.04
N MET B 6 20.80 -36.85 1.40
CA MET B 6 19.59 -36.88 2.21
C MET B 6 18.63 -37.95 1.71
N SER B 7 18.16 -38.80 2.62
CA SER B 7 17.15 -39.78 2.29
C SER B 7 15.79 -39.11 2.09
N GLU B 8 14.90 -39.81 1.40
CA GLU B 8 13.54 -39.30 1.25
C GLU B 8 12.83 -39.24 2.60
N GLU B 9 13.02 -40.26 3.43
CA GLU B 9 12.36 -40.30 4.73
C GLU B 9 12.82 -39.14 5.61
N GLN B 10 14.11 -38.79 5.53
CA GLN B 10 14.60 -37.65 6.32
C GLN B 10 13.93 -36.36 5.86
N VAL B 11 13.80 -36.17 4.54
CA VAL B 11 13.12 -34.98 4.03
C VAL B 11 11.66 -34.98 4.43
N ALA B 12 11.01 -36.14 4.39
CA ALA B 12 9.61 -36.21 4.84
C ALA B 12 9.49 -35.77 6.29
N GLN B 13 10.39 -36.27 7.15
CA GLN B 13 10.38 -35.84 8.55
C GLN B 13 10.69 -34.35 8.66
N ASP B 14 11.66 -33.87 7.88
CA ASP B 14 11.95 -32.45 7.84
C ASP B 14 10.75 -31.66 7.33
N THR B 15 10.01 -32.23 6.37
CA THR B 15 8.85 -31.55 5.82
C THR B 15 7.83 -31.24 6.90
N GLU B 16 7.59 -32.19 7.81
CA GLU B 16 6.65 -31.95 8.89
C GLU B 16 7.11 -30.77 9.74
N GLU B 17 8.40 -30.68 10.01
CA GLU B 17 8.92 -29.60 10.84
C GLU B 17 8.84 -28.26 10.09
N VAL B 18 9.22 -28.26 8.82
CA VAL B 18 9.13 -27.04 8.02
C VAL B 18 7.69 -26.55 7.95
N PHE B 19 6.76 -27.46 7.71
CA PHE B 19 5.36 -27.08 7.53
C PHE B 19 4.79 -26.46 8.80
N ARG B 20 5.16 -26.98 9.97
CA ARG B 20 4.64 -26.43 11.22
C ARG B 20 5.06 -24.97 11.38
N SER B 21 6.34 -24.67 11.14
CA SER B 21 6.79 -23.27 11.20
C SER B 21 6.12 -22.43 10.13
N TYR B 22 6.01 -22.98 8.92
CA TYR B 22 5.34 -22.27 7.83
C TYR B 22 3.94 -21.85 8.26
N VAL B 23 3.19 -22.77 8.84
CA VAL B 23 1.83 -22.49 9.27
C VAL B 23 1.82 -21.42 10.36
N PHE B 24 2.69 -21.56 11.36
CA PHE B 24 2.66 -20.64 12.49
C PHE B 24 3.02 -19.22 12.07
N TYR B 25 4.09 -19.05 11.30
CA TYR B 25 4.55 -17.71 10.97
C TYR B 25 3.70 -17.07 9.88
N ARG B 26 3.20 -17.86 8.93
CA ARG B 26 2.29 -17.30 7.95
C ARG B 26 1.01 -16.80 8.61
N HIS B 27 0.45 -17.59 9.54
CA HIS B 27 -0.75 -17.15 10.23
C HIS B 27 -0.47 -15.91 11.07
N GLN B 28 0.69 -15.88 11.73
CA GLN B 28 1.05 -14.72 12.53
C GLN B 28 1.07 -13.45 11.67
N GLN B 29 1.66 -13.53 10.47
CA GLN B 29 1.68 -12.40 9.57
C GLN B 29 0.27 -11.93 9.22
N GLU B 30 -0.57 -12.86 8.76
CA GLU B 30 -1.89 -12.48 8.27
C GLU B 30 -2.78 -11.94 9.39
N GLN B 31 -2.48 -12.28 10.64
CA GLN B 31 -3.22 -11.74 11.77
C GLN B 31 -2.64 -10.39 12.19
N PRO B 39 -10.89 -13.78 11.54
CA PRO B 39 -10.72 -14.39 12.86
C PRO B 39 -9.55 -15.38 12.91
N ALA B 40 -8.79 -15.34 14.00
CA ALA B 40 -7.62 -16.18 14.13
C ALA B 40 -8.00 -17.65 14.32
N ASP B 41 -7.12 -18.52 13.82
CA ASP B 41 -7.22 -19.97 14.04
C ASP B 41 -6.36 -20.32 15.25
N PRO B 42 -6.96 -20.52 16.43
CA PRO B 42 -6.14 -20.79 17.63
C PRO B 42 -5.27 -22.02 17.49
N GLU B 43 -5.68 -23.01 16.69
CA GLU B 43 -4.84 -24.19 16.47
C GLU B 43 -3.52 -23.80 15.82
N MET B 44 -3.52 -22.77 14.99
CA MET B 44 -2.29 -22.26 14.40
C MET B 44 -1.58 -21.28 15.31
N VAL B 45 -2.32 -20.54 16.12
CA VAL B 45 -1.69 -19.59 17.04
C VAL B 45 -0.88 -20.33 18.10
N THR B 46 -1.40 -21.47 18.59
CA THR B 46 -0.78 -22.19 19.69
C THR B 46 -0.03 -23.45 19.23
N LEU B 47 0.17 -23.61 17.93
CA LEU B 47 0.80 -24.81 17.39
C LEU B 47 2.16 -25.05 18.01
N PRO B 48 2.37 -26.17 18.72
CA PRO B 48 3.69 -26.43 19.28
C PRO B 48 4.73 -26.61 18.19
N LEU B 49 5.91 -26.03 18.41
CA LEU B 49 7.02 -26.12 17.47
C LEU B 49 8.24 -26.68 18.18
N GLN B 50 9.07 -27.39 17.43
CA GLN B 50 10.33 -27.86 17.94
C GLN B 50 11.24 -26.66 18.26
N PRO B 51 12.24 -26.86 19.11
CA PRO B 51 13.17 -25.75 19.40
C PRO B 51 13.76 -25.18 18.11
N SER B 52 14.06 -23.89 18.15
CA SER B 52 14.56 -23.14 17.00
C SER B 52 15.62 -23.91 16.25
N SER B 53 15.39 -24.15 14.96
CA SER B 53 16.28 -24.94 14.14
C SER B 53 16.33 -24.34 12.75
N THR B 54 17.25 -24.87 11.93
CA THR B 54 17.32 -24.43 10.54
C THR B 54 16.03 -24.76 9.80
N MET B 55 15.42 -25.92 10.07
CA MET B 55 14.17 -26.26 9.42
C MET B 55 13.07 -25.28 9.81
N GLY B 56 12.98 -24.96 11.10
CA GLY B 56 12.02 -23.95 11.53
C GLY B 56 12.25 -22.63 10.83
N GLN B 57 13.51 -22.25 10.65
CA GLN B 57 13.80 -21.01 9.95
C GLN B 57 13.39 -21.09 8.48
N VAL B 58 13.55 -22.26 7.85
CA VAL B 58 13.12 -22.41 6.46
C VAL B 58 11.63 -22.12 6.32
N GLY B 59 10.81 -22.79 7.14
CA GLY B 59 9.38 -22.54 7.07
C GLY B 59 9.05 -21.09 7.34
N ARG B 60 9.79 -20.45 8.25
CA ARG B 60 9.56 -19.04 8.53
C ARG B 60 9.88 -18.19 7.30
N GLN B 61 10.97 -18.50 6.61
CA GLN B 61 11.36 -17.72 5.44
C GLN B 61 10.39 -17.95 4.28
N LEU B 62 9.95 -19.19 4.08
CA LEU B 62 9.00 -19.46 3.01
C LEU B 62 7.66 -18.78 3.27
N ALA B 63 7.31 -18.58 4.55
CA ALA B 63 6.10 -17.83 4.86
C ALA B 63 6.29 -16.35 4.55
N ILE B 64 7.44 -15.79 4.91
CA ILE B 64 7.68 -14.36 4.69
C ILE B 64 7.80 -14.06 3.21
N ILE B 65 8.52 -14.90 2.45
CA ILE B 65 8.80 -14.58 1.06
C ILE B 65 7.53 -14.59 0.23
N GLY B 66 6.47 -15.25 0.69
CA GLY B 66 5.21 -15.27 0.00
C GLY B 66 4.23 -14.24 0.51
N ASP B 67 4.65 -13.42 1.46
CA ASP B 67 3.73 -12.47 2.09
C ASP B 67 3.01 -11.63 1.05
N ASP B 68 3.75 -11.03 0.13
CA ASP B 68 3.15 -10.14 -0.86
C ASP B 68 2.19 -10.90 -1.78
N ILE B 69 2.66 -11.96 -2.42
CA ILE B 69 1.84 -12.66 -3.40
C ILE B 69 0.56 -13.20 -2.77
N ASN B 70 0.68 -13.73 -1.54
CA ASN B 70 -0.48 -14.40 -0.93
C ASN B 70 -1.65 -13.45 -0.75
N ARG B 71 -1.37 -12.20 -0.39
CA ARG B 71 -2.48 -11.26 -0.18
C ARG B 71 -3.28 -11.07 -1.46
N ARG B 72 -2.61 -11.07 -2.62
CA ARG B 72 -3.31 -10.85 -3.88
C ARG B 72 -4.18 -12.04 -4.26
N TYR B 73 -3.83 -13.24 -3.82
CA TYR B 73 -4.57 -14.45 -4.19
C TYR B 73 -5.64 -14.83 -3.19
N ASP B 74 -5.76 -14.11 -2.07
CA ASP B 74 -6.73 -14.48 -1.04
C ASP B 74 -8.15 -14.54 -1.60
N SER B 75 -8.57 -13.50 -2.33
CA SER B 75 -9.93 -13.47 -2.83
C SER B 75 -10.24 -14.70 -3.68
N GLU B 76 -9.28 -15.11 -4.53
CA GLU B 76 -9.52 -16.24 -5.42
C GLU B 76 -9.62 -17.56 -4.65
N PHE B 77 -8.61 -17.88 -3.84
CA PHE B 77 -8.60 -19.16 -3.14
C PHE B 77 -9.77 -19.26 -2.16
N GLN B 78 -10.11 -18.16 -1.50
CA GLN B 78 -11.19 -18.20 -0.52
C GLN B 78 -12.54 -18.38 -1.18
N THR B 79 -12.73 -17.78 -2.35
CA THR B 79 -13.98 -17.98 -3.09
C THR B 79 -14.10 -19.43 -3.58
N MET B 80 -13.02 -19.98 -4.12
CA MET B 80 -13.08 -21.32 -4.70
C MET B 80 -13.16 -22.40 -3.64
N LEU B 81 -12.52 -22.19 -2.49
CA LEU B 81 -12.68 -23.14 -1.39
C LEU B 81 -14.10 -23.10 -0.87
N GLN B 82 -14.69 -21.90 -0.79
CA GLN B 82 -16.10 -21.78 -0.41
C GLN B 82 -16.98 -22.56 -1.37
N HIS B 83 -16.70 -22.47 -2.68
CA HIS B 83 -17.48 -23.21 -3.65
C HIS B 83 -17.24 -24.71 -3.55
N LEU B 84 -16.03 -25.10 -3.15
CA LEU B 84 -15.67 -26.51 -3.08
C LEU B 84 -16.30 -27.22 -1.88
N GLN B 85 -16.45 -26.53 -0.76
CA GLN B 85 -17.00 -27.10 0.47
C GLN B 85 -16.24 -28.36 0.88
N PRO B 86 -14.94 -28.25 1.15
CA PRO B 86 -14.19 -29.41 1.61
C PRO B 86 -14.63 -29.86 2.99
N THR B 87 -14.60 -31.17 3.20
CA THR B 87 -15.00 -31.77 4.47
C THR B 87 -13.93 -32.76 4.92
N ALA B 88 -14.13 -33.32 6.11
CA ALA B 88 -13.23 -34.36 6.60
C ALA B 88 -13.26 -35.59 5.70
N GLU B 89 -14.38 -35.84 5.04
CA GLU B 89 -14.50 -37.04 4.23
C GLU B 89 -13.81 -36.92 2.88
N ASN B 90 -13.74 -35.72 2.31
CA ASN B 90 -13.21 -35.54 0.97
C ASN B 90 -11.94 -34.70 0.91
N ALA B 91 -11.46 -34.17 2.04
CA ALA B 91 -10.27 -33.31 2.00
C ALA B 91 -9.09 -34.04 1.38
N TYR B 92 -8.90 -35.31 1.75
CA TYR B 92 -7.78 -36.07 1.21
C TYR B 92 -7.91 -36.20 -0.31
N GLU B 93 -9.12 -36.55 -0.78
CA GLU B 93 -9.38 -36.66 -2.21
C GLU B 93 -9.08 -35.35 -2.93
N TYR B 94 -9.64 -34.25 -2.43
CA TYR B 94 -9.48 -32.97 -3.10
C TYR B 94 -8.02 -32.52 -3.11
N PHE B 95 -7.33 -32.66 -1.98
CA PHE B 95 -5.93 -32.28 -1.92
C PHE B 95 -5.11 -33.04 -2.96
N THR B 96 -5.31 -34.36 -3.03
CA THR B 96 -4.48 -35.20 -3.89
C THR B 96 -4.68 -34.88 -5.37
N LYS B 97 -5.94 -34.67 -5.79
CA LYS B 97 -6.19 -34.34 -7.18
C LYS B 97 -5.63 -32.97 -7.53
N ILE B 98 -5.77 -32.01 -6.63
CA ILE B 98 -5.26 -30.65 -6.89
C ILE B 98 -3.74 -30.67 -6.96
N ALA B 99 -3.10 -31.35 -6.01
CA ALA B 99 -1.64 -31.40 -5.99
C ALA B 99 -1.10 -32.17 -7.21
N THR B 100 -1.80 -33.23 -7.62
CA THR B 100 -1.37 -33.99 -8.78
C THR B 100 -1.35 -33.11 -10.03
N SER B 101 -2.43 -32.37 -10.27
CA SER B 101 -2.46 -31.50 -11.45
C SER B 101 -1.41 -30.41 -11.34
N LEU B 102 -1.16 -29.91 -10.12
CA LEU B 102 -0.17 -28.85 -9.93
C LEU B 102 1.21 -29.27 -10.38
N PHE B 103 1.63 -30.49 -10.02
CA PHE B 103 2.98 -30.94 -10.32
C PHE B 103 3.08 -31.76 -11.61
N GLU B 104 1.98 -31.88 -12.36
CA GLU B 104 1.99 -32.76 -13.53
C GLU B 104 3.05 -32.32 -14.54
N SER B 105 3.22 -31.02 -14.72
CA SER B 105 4.14 -30.51 -15.74
C SER B 105 5.55 -30.30 -15.21
N GLY B 106 5.82 -30.66 -13.96
CA GLY B 106 7.16 -30.59 -13.43
C GLY B 106 7.24 -30.10 -12.00
N ILE B 107 8.41 -30.26 -11.38
CA ILE B 107 8.65 -29.89 -9.99
C ILE B 107 9.62 -28.72 -9.98
N ASN B 108 9.30 -27.71 -9.18
CA ASN B 108 10.21 -26.60 -8.94
C ASN B 108 9.90 -26.04 -7.56
N TRP B 109 10.78 -25.16 -7.08
CA TRP B 109 10.62 -24.63 -5.73
C TRP B 109 9.33 -23.83 -5.60
N GLY B 110 8.96 -23.09 -6.64
CA GLY B 110 7.73 -22.32 -6.60
C GLY B 110 6.51 -23.20 -6.36
N ARG B 111 6.44 -24.34 -7.04
CA ARG B 111 5.30 -25.24 -6.84
C ARG B 111 5.40 -25.99 -5.52
N VAL B 112 6.61 -26.31 -5.08
CA VAL B 112 6.79 -26.89 -3.75
C VAL B 112 6.28 -25.94 -2.69
N VAL B 113 6.61 -24.65 -2.82
CA VAL B 113 6.14 -23.66 -1.86
C VAL B 113 4.64 -23.46 -1.99
N ALA B 114 4.13 -23.50 -3.23
CA ALA B 114 2.69 -23.39 -3.44
C ALA B 114 1.93 -24.54 -2.79
N LEU B 115 2.52 -25.74 -2.77
CA LEU B 115 1.86 -26.88 -2.14
C LEU B 115 1.80 -26.67 -0.63
N LEU B 116 2.87 -26.17 -0.02
CA LEU B 116 2.80 -25.79 1.38
C LEU B 116 1.68 -24.79 1.60
N GLY B 117 1.58 -23.79 0.72
CA GLY B 117 0.57 -22.77 0.88
C GLY B 117 -0.85 -23.30 0.77
N PHE B 118 -1.07 -24.23 -0.15
CA PHE B 118 -2.40 -24.79 -0.28
C PHE B 118 -2.78 -25.61 0.95
N GLY B 119 -1.84 -26.37 1.49
CA GLY B 119 -2.09 -27.05 2.75
C GLY B 119 -2.47 -26.06 3.84
N TYR B 120 -1.74 -24.95 3.94
CA TYR B 120 -2.09 -23.93 4.91
C TYR B 120 -3.50 -23.40 4.68
N ARG B 121 -3.81 -23.01 3.44
CA ARG B 121 -5.13 -22.48 3.12
C ARG B 121 -6.22 -23.51 3.36
N LEU B 122 -5.98 -24.76 2.97
CA LEU B 122 -6.97 -25.81 3.17
C LEU B 122 -7.21 -26.03 4.66
N ALA B 123 -6.14 -26.11 5.45
CA ALA B 123 -6.28 -26.31 6.89
C ALA B 123 -7.03 -25.15 7.53
N LEU B 124 -6.71 -23.92 7.12
CA LEU B 124 -7.40 -22.76 7.69
C LEU B 124 -8.87 -22.74 7.30
N HIS B 125 -9.17 -23.04 6.04
CA HIS B 125 -10.56 -22.98 5.59
C HIS B 125 -11.43 -23.99 6.32
N VAL B 126 -10.99 -25.24 6.42
CA VAL B 126 -11.81 -26.26 7.07
C VAL B 126 -12.03 -25.91 8.54
N TYR B 127 -11.01 -25.34 9.19
CA TYR B 127 -11.19 -24.93 10.58
C TYR B 127 -12.26 -23.85 10.70
N GLN B 128 -12.19 -22.83 9.83
CA GLN B 128 -13.14 -21.74 9.89
C GLN B 128 -14.58 -22.20 9.70
N HIS B 129 -14.79 -23.39 9.14
CA HIS B 129 -16.11 -23.95 8.94
C HIS B 129 -16.43 -25.07 9.92
N GLY B 130 -15.65 -25.20 10.99
CA GLY B 130 -15.98 -26.05 12.12
C GLY B 130 -15.14 -27.30 12.26
N LEU B 131 -14.28 -27.63 11.30
CA LEU B 131 -13.52 -28.88 11.37
C LEU B 131 -12.26 -28.64 12.19
N THR B 132 -12.36 -28.93 13.49
CA THR B 132 -11.24 -28.80 14.40
C THR B 132 -10.35 -30.05 14.35
N GLY B 133 -9.16 -29.92 14.94
CA GLY B 133 -8.26 -31.05 15.10
C GLY B 133 -7.79 -31.69 13.81
N PHE B 134 -7.79 -30.93 12.72
CA PHE B 134 -7.48 -31.45 11.39
C PHE B 134 -6.14 -30.96 10.85
N LEU B 135 -5.42 -30.13 11.59
CA LEU B 135 -4.15 -29.60 11.09
C LEU B 135 -3.12 -30.71 10.90
N GLY B 136 -3.12 -31.71 11.78
CA GLY B 136 -2.23 -32.83 11.60
C GLY B 136 -2.60 -33.66 10.38
N GLN B 137 -3.90 -33.77 10.10
CA GLN B 137 -4.34 -34.49 8.91
C GLN B 137 -3.84 -33.81 7.64
N VAL B 138 -3.93 -32.48 7.59
CA VAL B 138 -3.48 -31.74 6.42
C VAL B 138 -1.96 -31.77 6.33
N THR B 139 -1.27 -31.65 7.46
CA THR B 139 0.19 -31.79 7.46
C THR B 139 0.58 -33.11 6.82
N ARG B 140 -0.10 -34.19 7.22
CA ARG B 140 0.17 -35.51 6.66
C ARG B 140 -0.13 -35.54 5.17
N PHE B 141 -1.24 -34.91 4.74
CA PHE B 141 -1.49 -34.79 3.31
C PHE B 141 -0.26 -34.24 2.60
N VAL B 142 0.27 -33.12 3.10
CA VAL B 142 1.40 -32.46 2.46
C VAL B 142 2.62 -33.37 2.49
N VAL B 143 2.92 -33.94 3.66
CA VAL B 143 4.13 -34.75 3.79
C VAL B 143 4.06 -35.95 2.86
N ASP B 144 2.96 -36.70 2.93
CA ASP B 144 2.87 -37.96 2.17
C ASP B 144 2.85 -37.72 0.67
N PHE B 145 2.17 -36.66 0.22
CA PHE B 145 2.16 -36.38 -1.21
C PHE B 145 3.57 -36.12 -1.70
N MET B 146 4.29 -35.22 -1.03
CA MET B 146 5.68 -34.97 -1.41
C MET B 146 6.49 -36.25 -1.37
N LEU B 147 6.29 -37.08 -0.35
CA LEU B 147 7.03 -38.32 -0.23
C LEU B 147 6.70 -39.29 -1.37
N HIS B 148 5.42 -39.43 -1.67
CA HIS B 148 4.99 -40.43 -2.64
C HIS B 148 5.07 -39.96 -4.08
N HIS B 149 5.19 -38.66 -4.32
CA HIS B 149 5.22 -38.11 -5.67
C HIS B 149 6.56 -37.47 -6.01
N SER B 150 7.64 -38.08 -5.51
CA SER B 150 9.02 -37.80 -5.89
C SER B 150 9.50 -36.41 -5.50
N ILE B 151 8.71 -35.66 -4.74
CA ILE B 151 9.09 -34.31 -4.37
C ILE B 151 10.09 -34.31 -3.22
N ALA B 152 9.91 -35.21 -2.25
CA ALA B 152 10.90 -35.36 -1.18
C ALA B 152 12.27 -35.71 -1.75
N ARG B 153 12.31 -36.62 -2.74
CA ARG B 153 13.58 -36.94 -3.37
C ARG B 153 14.15 -35.73 -4.09
N TRP B 154 13.28 -35.01 -4.83
CA TRP B 154 13.69 -33.81 -5.55
C TRP B 154 14.37 -32.83 -4.60
N ILE B 155 13.78 -32.63 -3.42
CA ILE B 155 14.35 -31.72 -2.43
C ILE B 155 15.66 -32.26 -1.89
N ALA B 156 15.73 -33.58 -1.67
CA ALA B 156 16.96 -34.17 -1.14
C ALA B 156 18.12 -33.99 -2.10
N GLN B 157 17.86 -34.15 -3.41
CA GLN B 157 18.93 -34.00 -4.39
C GLN B 157 19.52 -32.60 -4.38
N ARG B 158 18.73 -31.59 -4.00
CA ARG B 158 19.21 -30.23 -3.90
C ARG B 158 19.83 -29.93 -2.53
N GLY B 159 19.97 -30.93 -1.67
CA GLY B 159 20.61 -30.74 -0.38
C GLY B 159 19.67 -30.62 0.80
N GLY B 160 18.38 -30.87 0.61
CA GLY B 160 17.40 -30.78 1.67
C GLY B 160 16.71 -29.44 1.69
N TRP B 161 15.81 -29.31 2.67
CA TRP B 161 15.03 -28.08 2.82
C TRP B 161 15.90 -26.87 3.08
N VAL B 162 17.14 -27.05 3.54
CA VAL B 162 18.03 -25.92 3.77
C VAL B 162 18.34 -25.20 2.47
N ALA B 163 18.22 -25.90 1.34
CA ALA B 163 18.41 -25.25 0.04
C ALA B 163 17.35 -24.19 -0.22
N ALA B 164 16.17 -24.33 0.40
CA ALA B 164 15.11 -23.34 0.32
C ALA B 164 15.38 -22.12 1.20
N LEU B 165 16.41 -22.18 2.05
CA LEU B 165 16.69 -21.09 2.97
C LEU B 165 17.17 -19.83 2.26
N ASN B 166 17.64 -19.96 1.02
CA ASN B 166 18.16 -18.80 0.27
C ASN B 166 17.34 -18.49 -0.98
N LEU B 167 16.12 -19.00 -1.06
CA LEU B 167 15.24 -18.68 -2.19
C LEU B 167 14.85 -17.21 -2.18
N SER C 7 -10.38 -1.43 -41.37
CA SER C 7 -9.12 -1.04 -41.98
C SER C 7 -8.04 -0.89 -40.92
N GLU C 8 -6.83 -1.35 -41.24
CA GLU C 8 -5.71 -1.21 -40.33
C GLU C 8 -5.36 0.25 -40.12
N GLU C 9 -5.44 1.06 -41.18
CA GLU C 9 -5.12 2.48 -41.05
C GLU C 9 -6.08 3.18 -40.09
N GLN C 10 -7.35 2.79 -40.11
CA GLN C 10 -8.30 3.37 -39.16
C GLN C 10 -7.95 2.95 -37.73
N VAL C 11 -7.59 1.69 -37.53
CA VAL C 11 -7.16 1.26 -36.21
C VAL C 11 -5.91 2.03 -35.79
N ALA C 12 -4.99 2.26 -36.73
CA ALA C 12 -3.79 3.03 -36.43
C ALA C 12 -4.16 4.45 -35.98
N GLN C 13 -5.09 5.10 -36.68
CA GLN C 13 -5.53 6.42 -36.26
C GLN C 13 -6.19 6.37 -34.90
N ASP C 14 -7.02 5.34 -34.66
CA ASP C 14 -7.65 5.17 -33.35
C ASP C 14 -6.62 4.94 -32.26
N THR C 15 -5.54 4.22 -32.59
CA THR C 15 -4.50 3.96 -31.59
C THR C 15 -3.91 5.26 -31.06
N GLU C 16 -3.66 6.23 -31.95
CA GLU C 16 -3.15 7.52 -31.50
C GLU C 16 -4.12 8.18 -30.53
N GLU C 17 -5.42 8.09 -30.80
CA GLU C 17 -6.39 8.70 -29.90
C GLU C 17 -6.48 7.94 -28.58
N VAL C 18 -6.48 6.61 -28.64
CA VAL C 18 -6.50 5.82 -27.40
C VAL C 18 -5.27 6.13 -26.55
N PHE C 19 -4.09 6.19 -27.18
CA PHE C 19 -2.87 6.37 -26.41
C PHE C 19 -2.84 7.72 -25.70
N ARG C 20 -3.33 8.77 -26.36
CA ARG C 20 -3.35 10.08 -25.73
C ARG C 20 -4.22 10.08 -24.47
N SER C 21 -5.42 9.51 -24.56
CA SER C 21 -6.27 9.40 -23.38
C SER C 21 -5.63 8.50 -22.33
N TYR C 22 -5.06 7.38 -22.78
CA TYR C 22 -4.37 6.47 -21.85
C TYR C 22 -3.26 7.19 -21.09
N VAL C 23 -2.41 7.94 -21.82
CA VAL C 23 -1.32 8.67 -21.19
C VAL C 23 -1.86 9.72 -20.24
N PHE C 24 -2.88 10.46 -20.66
CA PHE C 24 -3.37 11.55 -19.84
C PHE C 24 -3.91 11.03 -18.52
N TYR C 25 -4.78 10.01 -18.58
CA TYR C 25 -5.43 9.52 -17.38
C TYR C 25 -4.53 8.62 -16.54
N ARG C 26 -3.62 7.87 -17.16
CA ARG C 26 -2.66 7.13 -16.35
C ARG C 26 -1.79 8.10 -15.55
N HIS C 27 -1.32 9.17 -16.18
CA HIS C 27 -0.52 10.15 -15.46
C HIS C 27 -1.34 10.82 -14.37
N GLN C 28 -2.61 11.10 -14.65
CA GLN C 28 -3.48 11.70 -13.66
C GLN C 28 -3.61 10.82 -12.42
N GLN C 29 -3.77 9.51 -12.62
CA GLN C 29 -3.84 8.57 -11.50
C GLN C 29 -2.58 8.64 -10.64
N GLU C 30 -1.42 8.51 -11.28
CA GLU C 30 -0.16 8.42 -10.56
C GLU C 30 0.20 9.72 -9.87
N GLN C 31 -0.41 10.84 -10.26
CA GLN C 31 -0.21 12.09 -9.55
C GLN C 31 -1.13 12.25 -8.35
N GLU C 32 -1.94 11.23 -8.05
CA GLU C 32 -2.77 11.26 -6.85
C GLU C 32 -1.91 11.29 -5.59
N ALA C 33 -2.47 11.85 -4.52
CA ALA C 33 -1.71 12.06 -3.29
C ALA C 33 -1.54 10.78 -2.47
N GLU C 34 -2.45 9.81 -2.62
CA GLU C 34 -2.39 8.62 -1.78
C GLU C 34 -1.03 7.94 -1.86
N GLY C 35 -0.62 7.56 -3.07
CA GLY C 35 0.67 6.92 -3.26
C GLY C 35 1.84 7.88 -3.19
N ALA C 38 5.58 11.48 -7.42
CA ALA C 38 6.70 11.87 -8.28
C ALA C 38 6.38 13.16 -9.06
N PRO C 39 7.43 13.90 -9.45
CA PRO C 39 7.20 15.17 -10.14
C PRO C 39 6.36 15.00 -11.40
N ALA C 40 5.41 15.91 -11.59
CA ALA C 40 4.50 15.82 -12.71
C ALA C 40 5.23 16.10 -14.01
N ASP C 41 4.79 15.43 -15.07
CA ASP C 41 5.23 15.68 -16.44
C ASP C 41 4.24 16.65 -17.06
N PRO C 42 4.57 17.95 -17.16
CA PRO C 42 3.58 18.89 -17.70
C PRO C 42 3.11 18.59 -19.10
N GLU C 43 3.94 17.94 -19.92
CA GLU C 43 3.52 17.58 -21.27
C GLU C 43 2.35 16.60 -21.26
N MET C 44 2.28 15.75 -20.24
CA MET C 44 1.16 14.83 -20.08
C MET C 44 -0.02 15.46 -19.34
N VAL C 45 0.25 16.40 -18.44
CA VAL C 45 -0.84 17.08 -17.73
C VAL C 45 -1.62 17.97 -18.70
N THR C 46 -0.95 18.57 -19.67
CA THR C 46 -1.56 19.51 -20.59
C THR C 46 -1.83 18.92 -21.98
N LEU C 47 -1.67 17.61 -22.14
CA LEU C 47 -1.85 16.97 -23.44
C LEU C 47 -3.25 17.21 -23.99
N PRO C 48 -3.40 17.89 -25.13
CA PRO C 48 -4.75 18.08 -25.70
C PRO C 48 -5.38 16.76 -26.14
N LEU C 49 -6.68 16.63 -25.88
CA LEU C 49 -7.43 15.43 -26.22
C LEU C 49 -8.62 15.79 -27.10
N GLN C 50 -9.00 14.86 -27.96
CA GLN C 50 -10.18 15.05 -28.79
C GLN C 50 -11.44 15.09 -27.91
N PRO C 51 -12.52 15.69 -28.42
CA PRO C 51 -13.77 15.70 -27.66
C PRO C 51 -14.15 14.29 -27.24
N SER C 52 -14.81 14.20 -26.10
CA SER C 52 -15.16 12.91 -25.49
C SER C 52 -15.67 11.92 -26.53
N SER C 53 -15.00 10.77 -26.63
CA SER C 53 -15.32 9.76 -27.62
C SER C 53 -15.14 8.38 -27.00
N THR C 54 -15.59 7.36 -27.74
CA THR C 54 -15.40 5.98 -27.31
C THR C 54 -13.92 5.62 -27.22
N MET C 55 -13.11 6.07 -28.18
CA MET C 55 -11.68 5.79 -28.13
C MET C 55 -11.05 6.44 -26.91
N GLY C 56 -11.42 7.69 -26.63
CA GLY C 56 -10.95 8.32 -25.40
C GLY C 56 -11.35 7.53 -24.17
N GLN C 57 -12.57 6.99 -24.15
CA GLN C 57 -13.02 6.18 -23.02
C GLN C 57 -12.24 4.87 -22.94
N VAL C 58 -11.90 4.30 -24.10
CA VAL C 58 -11.09 3.07 -24.11
C VAL C 58 -9.74 3.33 -23.44
N GLY C 59 -9.04 4.37 -23.87
CA GLY C 59 -7.75 4.69 -23.27
C GLY C 59 -7.87 4.98 -21.79
N ARG C 60 -8.96 5.64 -21.39
CA ARG C 60 -9.18 5.93 -19.98
C ARG C 60 -9.41 4.67 -19.17
N GLN C 61 -10.22 3.75 -19.70
CA GLN C 61 -10.51 2.52 -18.95
C GLN C 61 -9.29 1.61 -18.90
N LEU C 62 -8.51 1.54 -19.98
CA LEU C 62 -7.31 0.71 -19.94
C LEU C 62 -6.32 1.24 -18.92
N ALA C 63 -6.32 2.56 -18.66
CA ALA C 63 -5.45 3.11 -17.64
C ALA C 63 -5.91 2.75 -16.23
N ILE C 64 -7.21 2.84 -15.97
CA ILE C 64 -7.70 2.58 -14.63
C ILE C 64 -7.57 1.10 -14.27
N ILE C 65 -7.85 0.21 -15.23
CA ILE C 65 -7.89 -1.21 -14.91
C ILE C 65 -6.52 -1.72 -14.47
N GLY C 66 -5.44 -1.05 -14.86
CA GLY C 66 -4.10 -1.43 -14.49
C GLY C 66 -3.48 -0.66 -13.34
N ASP C 67 -4.22 0.28 -12.74
CA ASP C 67 -3.63 1.15 -11.73
C ASP C 67 -2.91 0.35 -10.65
N ASP C 68 -3.59 -0.66 -10.08
CA ASP C 68 -2.97 -1.44 -9.01
C ASP C 68 -1.74 -2.17 -9.52
N ILE C 69 -1.87 -2.87 -10.64
CA ILE C 69 -0.75 -3.65 -11.16
C ILE C 69 0.44 -2.74 -11.47
N ASN C 70 0.16 -1.56 -12.04
CA ASN C 70 1.25 -0.69 -12.48
C ASN C 70 2.12 -0.24 -11.30
N ARG C 71 1.49 0.06 -10.16
CA ARG C 71 2.26 0.47 -9.00
C ARG C 71 3.19 -0.65 -8.52
N ARG C 72 2.75 -1.91 -8.65
CA ARG C 72 3.58 -3.01 -8.19
C ARG C 72 4.83 -3.16 -9.06
N TYR C 73 4.74 -2.77 -10.33
CA TYR C 73 5.85 -2.89 -11.26
C TYR C 73 6.71 -1.64 -11.36
N ASP C 74 6.35 -0.56 -10.67
CA ASP C 74 7.10 0.69 -10.80
C ASP C 74 8.57 0.49 -10.45
N SER C 75 8.85 -0.12 -9.29
CA SER C 75 10.23 -0.24 -8.84
C SER C 75 11.09 -0.97 -9.87
N GLU C 76 10.56 -2.03 -10.47
CA GLU C 76 11.34 -2.79 -11.44
C GLU C 76 11.57 -1.98 -12.71
N PHE C 77 10.49 -1.46 -13.32
CA PHE C 77 10.64 -0.76 -14.59
C PHE C 77 11.52 0.48 -14.43
N GLN C 78 11.38 1.19 -13.31
CA GLN C 78 12.15 2.40 -13.09
C GLN C 78 13.63 2.09 -12.90
N THR C 79 13.95 0.97 -12.24
CA THR C 79 15.35 0.57 -12.12
C THR C 79 15.94 0.18 -13.46
N MET C 80 15.20 -0.60 -14.25
CA MET C 80 15.73 -1.08 -15.53
C MET C 80 15.83 0.03 -16.55
N LEU C 81 14.88 0.97 -16.55
CA LEU C 81 14.99 2.10 -17.46
C LEU C 81 16.15 3.01 -17.06
N GLN C 82 16.35 3.21 -15.76
CA GLN C 82 17.51 3.97 -15.30
C GLN C 82 18.79 3.31 -15.79
N HIS C 83 18.85 1.98 -15.71
CA HIS C 83 20.01 1.25 -16.22
C HIS C 83 20.09 1.31 -17.73
N LEU C 84 18.94 1.42 -18.41
CA LEU C 84 18.94 1.42 -19.87
C LEU C 84 19.46 2.73 -20.44
N GLN C 85 19.20 3.85 -19.77
CA GLN C 85 19.60 5.17 -20.23
C GLN C 85 19.08 5.44 -21.64
N PRO C 86 17.76 5.44 -21.85
CA PRO C 86 17.22 5.75 -23.17
C PRO C 86 17.41 7.23 -23.51
N THR C 87 17.73 7.49 -24.77
CA THR C 87 17.96 8.83 -25.26
C THR C 87 17.18 9.04 -26.55
N ALA C 88 17.22 10.28 -27.05
CA ALA C 88 16.59 10.56 -28.33
C ALA C 88 17.18 9.73 -29.45
N GLU C 89 18.47 9.41 -29.37
CA GLU C 89 19.13 8.71 -30.47
C GLU C 89 18.86 7.22 -30.47
N ASN C 90 18.64 6.62 -29.30
CA ASN C 90 18.48 5.18 -29.19
C ASN C 90 17.10 4.72 -28.73
N ALA C 91 16.20 5.65 -28.40
CA ALA C 91 14.88 5.24 -27.90
C ALA C 91 14.14 4.38 -28.92
N TYR C 92 14.20 4.75 -30.19
CA TYR C 92 13.51 3.98 -31.22
C TYR C 92 14.05 2.56 -31.30
N GLU C 93 15.39 2.43 -31.33
CA GLU C 93 16.01 1.12 -31.39
C GLU C 93 15.60 0.27 -30.18
N TYR C 94 15.71 0.84 -28.98
CA TYR C 94 15.40 0.08 -27.78
C TYR C 94 13.93 -0.33 -27.76
N PHE C 95 13.04 0.61 -28.08
CA PHE C 95 11.61 0.31 -28.11
C PHE C 95 11.34 -0.85 -29.07
N THR C 96 11.94 -0.80 -30.26
CA THR C 96 11.64 -1.80 -31.28
C THR C 96 12.08 -3.19 -30.83
N LYS C 97 13.26 -3.28 -30.20
CA LYS C 97 13.75 -4.57 -29.75
C LYS C 97 12.88 -5.11 -28.61
N ILE C 98 12.46 -4.26 -27.69
CA ILE C 98 11.64 -4.70 -26.57
C ILE C 98 10.26 -5.11 -27.05
N ALA C 99 9.64 -4.31 -27.90
CA ALA C 99 8.30 -4.65 -28.39
C ALA C 99 8.33 -5.92 -29.22
N THR C 100 9.38 -6.10 -30.02
CA THR C 100 9.50 -7.34 -30.80
C THR C 100 9.52 -8.56 -29.89
N SER C 101 10.32 -8.52 -28.83
CA SER C 101 10.41 -9.64 -27.92
C SER C 101 9.09 -9.89 -27.19
N LEU C 102 8.36 -8.82 -26.86
CA LEU C 102 7.10 -8.98 -26.15
C LEU C 102 6.08 -9.77 -26.96
N PHE C 103 5.96 -9.47 -28.24
CA PHE C 103 4.95 -10.07 -29.10
C PHE C 103 5.45 -11.27 -29.90
N GLU C 104 6.67 -11.74 -29.62
CA GLU C 104 7.26 -12.79 -30.45
C GLU C 104 6.42 -14.06 -30.46
N SER C 105 5.83 -14.42 -29.34
CA SER C 105 5.08 -15.67 -29.25
C SER C 105 3.59 -15.49 -29.55
N GLY C 106 3.15 -14.28 -29.88
CA GLY C 106 1.75 -14.07 -30.20
C GLY C 106 1.21 -12.76 -29.68
N ILE C 107 -0.01 -12.42 -30.12
CA ILE C 107 -0.67 -11.18 -29.75
C ILE C 107 -1.86 -11.52 -28.88
N ASN C 108 -2.04 -10.74 -27.82
CA ASN C 108 -3.25 -10.81 -27.00
C ASN C 108 -3.47 -9.44 -26.38
N TRP C 109 -4.66 -9.26 -25.80
CA TRP C 109 -5.02 -7.94 -25.28
C TRP C 109 -4.09 -7.51 -24.17
N GLY C 110 -3.68 -8.45 -23.30
CA GLY C 110 -2.75 -8.10 -22.25
C GLY C 110 -1.47 -7.48 -22.80
N ARG C 111 -0.95 -8.06 -23.88
CA ARG C 111 0.29 -7.55 -24.46
C ARG C 111 0.07 -6.23 -25.19
N VAL C 112 -1.09 -6.08 -25.83
CA VAL C 112 -1.42 -4.80 -26.47
C VAL C 112 -1.43 -3.70 -25.43
N VAL C 113 -2.04 -3.95 -24.28
CA VAL C 113 -2.10 -2.95 -23.21
C VAL C 113 -0.73 -2.77 -22.58
N ALA C 114 0.04 -3.85 -22.44
CA ALA C 114 1.39 -3.73 -21.91
C ALA C 114 2.25 -2.82 -22.80
N LEU C 115 2.03 -2.88 -24.12
CA LEU C 115 2.80 -2.02 -25.02
C LEU C 115 2.41 -0.56 -24.83
N LEU C 116 1.11 -0.27 -24.65
CA LEU C 116 0.71 1.09 -24.31
C LEU C 116 1.43 1.57 -23.06
N GLY C 117 1.49 0.72 -22.03
CA GLY C 117 2.14 1.11 -20.80
C GLY C 117 3.62 1.37 -20.96
N PHE C 118 4.29 0.56 -21.76
CA PHE C 118 5.71 0.78 -21.98
C PHE C 118 5.96 2.09 -22.71
N GLY C 119 5.16 2.40 -23.72
CA GLY C 119 5.25 3.72 -24.33
C GLY C 119 5.08 4.83 -23.32
N TYR C 120 4.12 4.68 -22.42
CA TYR C 120 3.93 5.66 -21.35
C TYR C 120 5.18 5.77 -20.49
N ARG C 121 5.69 4.64 -20.00
CA ARG C 121 6.87 4.65 -19.14
C ARG C 121 8.09 5.21 -19.85
N LEU C 122 8.29 4.83 -21.13
CA LEU C 122 9.45 5.32 -21.86
C LEU C 122 9.38 6.83 -22.05
N ALA C 123 8.21 7.33 -22.47
CA ALA C 123 8.05 8.77 -22.67
C ALA C 123 8.25 9.53 -21.37
N LEU C 124 7.68 9.02 -20.27
CA LEU C 124 7.84 9.70 -18.99
C LEU C 124 9.31 9.68 -18.55
N HIS C 125 9.98 8.55 -18.71
CA HIS C 125 11.36 8.46 -18.25
C HIS C 125 12.26 9.43 -19.01
N VAL C 126 12.15 9.47 -20.34
CA VAL C 126 13.03 10.34 -21.10
C VAL C 126 12.75 11.81 -20.77
N TYR C 127 11.48 12.14 -20.53
CA TYR C 127 11.14 13.51 -20.17
C TYR C 127 11.79 13.88 -18.84
N GLN C 128 11.69 13.00 -17.85
CA GLN C 128 12.24 13.29 -16.52
C GLN C 128 13.73 13.58 -16.57
N HIS C 129 14.42 13.18 -17.65
CA HIS C 129 15.84 13.42 -17.80
C HIS C 129 16.15 14.53 -18.81
N GLY C 130 15.15 15.32 -19.20
CA GLY C 130 15.37 16.53 -19.98
C GLY C 130 14.91 16.48 -21.42
N LEU C 131 14.47 15.32 -21.93
CA LEU C 131 14.08 15.19 -23.34
C LEU C 131 12.63 15.62 -23.51
N THR C 132 12.45 16.90 -23.85
CA THR C 132 11.13 17.46 -24.06
C THR C 132 10.64 17.19 -25.48
N GLY C 133 9.35 17.45 -25.70
CA GLY C 133 8.78 17.38 -27.02
C GLY C 133 8.87 16.03 -27.69
N PHE C 134 9.00 14.95 -26.92
CA PHE C 134 9.23 13.62 -27.44
C PHE C 134 8.02 12.72 -27.27
N LEU C 135 6.92 13.20 -26.69
CA LEU C 135 5.74 12.38 -26.49
C LEU C 135 5.13 11.96 -27.82
N GLY C 136 5.20 12.83 -28.82
CA GLY C 136 4.73 12.46 -30.14
C GLY C 136 5.60 11.42 -30.79
N GLN C 137 6.91 11.46 -30.53
CA GLN C 137 7.79 10.44 -31.07
C GLN C 137 7.46 9.07 -30.48
N VAL C 138 7.21 9.00 -29.18
CA VAL C 138 6.89 7.72 -28.56
C VAL C 138 5.52 7.24 -29.03
N THR C 139 4.55 8.15 -29.13
CA THR C 139 3.25 7.77 -29.67
C THR C 139 3.40 7.12 -31.05
N ARG C 140 4.24 7.71 -31.91
CA ARG C 140 4.46 7.13 -33.23
C ARG C 140 5.12 5.76 -33.12
N PHE C 141 6.09 5.61 -32.22
CA PHE C 141 6.67 4.29 -31.97
C PHE C 141 5.56 3.26 -31.75
N VAL C 142 4.65 3.57 -30.82
CA VAL C 142 3.59 2.64 -30.46
C VAL C 142 2.68 2.38 -31.65
N VAL C 143 2.25 3.45 -32.32
CA VAL C 143 1.31 3.30 -33.43
C VAL C 143 1.93 2.48 -34.55
N ASP C 144 3.13 2.86 -34.99
CA ASP C 144 3.72 2.21 -36.16
C ASP C 144 4.06 0.76 -35.88
N PHE C 145 4.53 0.44 -34.67
CA PHE C 145 4.85 -0.94 -34.35
C PHE C 145 3.61 -1.82 -34.47
N MET C 146 2.50 -1.39 -33.85
CA MET C 146 1.26 -2.15 -33.98
C MET C 146 0.83 -2.27 -35.44
N LEU C 147 0.92 -1.17 -36.20
CA LEU C 147 0.49 -1.23 -37.60
C LEU C 147 1.36 -2.19 -38.41
N HIS C 148 2.68 -2.13 -38.21
CA HIS C 148 3.61 -2.90 -39.02
C HIS C 148 3.77 -4.33 -38.55
N HIS C 149 3.34 -4.66 -37.33
CA HIS C 149 3.49 -6.00 -36.78
C HIS C 149 2.14 -6.67 -36.54
N SER C 150 1.17 -6.40 -37.41
CA SER C 150 -0.11 -7.11 -37.47
C SER C 150 -0.97 -6.92 -36.23
N ILE C 151 -0.59 -6.03 -35.31
CA ILE C 151 -1.38 -5.83 -34.11
C ILE C 151 -2.61 -5.00 -34.42
N ALA C 152 -2.47 -3.97 -35.26
CA ALA C 152 -3.64 -3.22 -35.70
C ALA C 152 -4.64 -4.14 -36.40
N ARG C 153 -4.15 -5.04 -37.26
CA ARG C 153 -5.05 -5.99 -37.90
C ARG C 153 -5.69 -6.91 -36.87
N TRP C 154 -4.89 -7.41 -35.92
CA TRP C 154 -5.43 -8.26 -34.87
C TRP C 154 -6.59 -7.58 -34.15
N ILE C 155 -6.43 -6.29 -33.85
CA ILE C 155 -7.48 -5.54 -33.17
C ILE C 155 -8.69 -5.35 -34.08
N ALA C 156 -8.44 -5.10 -35.37
CA ALA C 156 -9.56 -4.90 -36.29
C ALA C 156 -10.42 -6.15 -36.39
N GLN C 157 -9.79 -7.32 -36.40
CA GLN C 157 -10.54 -8.56 -36.53
C GLN C 157 -11.53 -8.76 -35.39
N ARG C 158 -11.19 -8.25 -34.21
CA ARG C 158 -12.04 -8.36 -33.03
C ARG C 158 -13.05 -7.22 -32.90
N GLY C 159 -13.16 -6.36 -33.91
CA GLY C 159 -14.11 -5.28 -33.88
C GLY C 159 -13.55 -3.92 -33.54
N GLY C 160 -12.23 -3.78 -33.46
CA GLY C 160 -11.63 -2.50 -33.16
C GLY C 160 -11.35 -2.31 -31.70
N TRP C 161 -10.79 -1.13 -31.40
CA TRP C 161 -10.44 -0.80 -30.02
C TRP C 161 -11.67 -0.77 -29.12
N VAL C 162 -12.87 -0.65 -29.69
CA VAL C 162 -14.08 -0.62 -28.87
C VAL C 162 -14.27 -1.95 -28.15
N ALA C 163 -13.73 -3.04 -28.72
CA ALA C 163 -13.82 -4.35 -28.08
C ALA C 163 -13.13 -4.37 -26.73
N ALA C 164 -12.19 -3.46 -26.48
CA ALA C 164 -11.56 -3.44 -25.17
C ALA C 164 -12.50 -2.94 -24.08
N LEU C 165 -13.61 -2.31 -24.45
CA LEU C 165 -14.56 -1.86 -23.44
C LEU C 165 -15.30 -3.03 -22.80
N ASN C 166 -15.32 -4.19 -23.47
CA ASN C 166 -15.93 -5.38 -22.90
C ASN C 166 -14.92 -6.27 -22.19
N LEU C 167 -13.69 -5.79 -22.02
CA LEU C 167 -12.68 -6.54 -21.28
C LEU C 167 -13.04 -6.55 -19.79
N GLY C 168 -13.06 -7.76 -19.22
CA GLY C 168 -13.31 -7.96 -17.80
C GLY C 168 -14.06 -6.85 -17.08
N MET D 6 27.77 -13.44 15.11
CA MET D 6 27.41 -13.06 13.76
C MET D 6 27.79 -11.62 13.47
N SER D 7 28.06 -11.33 12.19
CA SER D 7 28.50 -10.00 11.81
C SER D 7 27.44 -8.95 12.10
N GLU D 8 26.20 -9.21 11.68
CA GLU D 8 25.12 -8.25 11.94
C GLU D 8 24.88 -8.09 13.44
N GLU D 9 25.00 -9.18 14.21
CA GLU D 9 24.83 -9.09 15.65
C GLU D 9 25.89 -8.20 16.27
N GLN D 10 27.11 -8.26 15.76
CA GLN D 10 28.17 -7.39 16.27
C GLN D 10 27.84 -5.92 16.00
N VAL D 11 27.32 -5.63 14.81
CA VAL D 11 26.92 -4.26 14.50
C VAL D 11 25.78 -3.83 15.41
N ALA D 12 24.83 -4.73 15.67
CA ALA D 12 23.71 -4.39 16.55
C ALA D 12 24.22 -3.98 17.93
N GLN D 13 25.19 -4.73 18.47
CA GLN D 13 25.76 -4.38 19.76
C GLN D 13 26.49 -3.04 19.70
N ASP D 14 27.27 -2.80 18.63
CA ASP D 14 27.94 -1.52 18.47
C ASP D 14 26.93 -0.40 18.32
N THR D 15 25.82 -0.66 17.64
CA THR D 15 24.80 0.36 17.46
C THR D 15 24.29 0.86 18.79
N GLU D 16 24.03 -0.06 19.72
CA GLU D 16 23.55 0.35 21.04
C GLU D 16 24.56 1.27 21.70
N GLU D 17 25.85 0.97 21.57
CA GLU D 17 26.87 1.82 22.17
C GLU D 17 26.96 3.17 21.44
N VAL D 18 26.91 3.15 20.10
CA VAL D 18 26.93 4.38 19.34
C VAL D 18 25.72 5.24 19.71
N PHE D 19 24.53 4.62 19.77
CA PHE D 19 23.31 5.40 20.00
C PHE D 19 23.31 6.04 21.39
N ARG D 20 23.81 5.35 22.40
CA ARG D 20 23.85 5.93 23.73
C ARG D 20 24.75 7.17 23.75
N SER D 21 25.93 7.07 23.15
CA SER D 21 26.78 8.26 23.03
C SER D 21 26.13 9.33 22.17
N TYR D 22 25.53 8.93 21.05
CA TYR D 22 24.85 9.89 20.19
C TYR D 22 23.80 10.67 20.99
N VAL D 23 22.97 9.95 21.73
CA VAL D 23 21.93 10.59 22.54
C VAL D 23 22.57 11.50 23.58
N PHE D 24 23.64 11.02 24.23
CA PHE D 24 24.26 11.78 25.30
C PHE D 24 24.86 13.09 24.78
N TYR D 25 25.62 13.01 23.69
CA TYR D 25 26.30 14.20 23.21
C TYR D 25 25.36 15.11 22.42
N ARG D 26 24.39 14.55 21.71
CA ARG D 26 23.42 15.42 21.04
C ARG D 26 22.62 16.22 22.07
N HIS D 27 22.16 15.57 23.13
CA HIS D 27 21.41 16.28 24.15
C HIS D 27 22.29 17.31 24.87
N GLN D 28 23.55 16.95 25.11
CA GLN D 28 24.47 17.90 25.74
C GLN D 28 24.61 19.16 24.91
N GLN D 29 24.74 19.01 23.59
CA GLN D 29 24.80 20.16 22.69
C GLN D 29 23.55 21.03 22.80
N GLU D 30 22.38 20.41 22.63
CA GLU D 30 21.13 21.17 22.53
C GLU D 30 20.74 21.83 23.84
N GLN D 31 21.29 21.39 24.97
CA GLN D 31 21.01 22.06 26.23
C GLN D 31 21.89 23.29 26.44
N GLU D 32 22.80 23.57 25.52
CA GLU D 32 23.48 24.85 25.51
C GLU D 32 22.47 25.99 25.50
N ALA D 33 22.75 27.02 26.29
CA ALA D 33 21.83 28.15 26.39
C ALA D 33 21.80 29.00 25.12
N GLU D 34 22.84 28.90 24.29
CA GLU D 34 22.96 29.76 23.11
C GLU D 34 21.66 29.82 22.33
N PRO D 39 13.69 22.01 28.30
CA PRO D 39 13.94 21.41 29.61
C PRO D 39 14.79 20.15 29.49
N ALA D 40 15.77 19.99 30.37
CA ALA D 40 16.69 18.87 30.24
C ALA D 40 15.98 17.55 30.51
N ASP D 41 16.41 16.51 29.79
CA ASP D 41 15.99 15.12 30.00
C ASP D 41 17.03 14.43 30.87
N PRO D 42 16.78 14.25 32.18
CA PRO D 42 17.79 13.64 33.05
C PRO D 42 18.21 12.24 32.60
N GLU D 43 17.32 11.50 31.95
CA GLU D 43 17.67 10.17 31.46
C GLU D 43 18.78 10.25 30.44
N MET D 44 18.83 11.34 29.66
CA MET D 44 19.92 11.54 28.71
C MET D 44 21.13 12.21 29.35
N VAL D 45 20.91 13.07 30.35
CA VAL D 45 22.03 13.71 31.02
C VAL D 45 22.83 12.68 31.80
N THR D 46 22.16 11.70 32.41
CA THR D 46 22.79 10.71 33.26
C THR D 46 22.95 9.35 32.58
N LEU D 47 22.71 9.26 31.28
CA LEU D 47 22.76 7.98 30.59
C LEU D 47 24.14 7.34 30.79
N PRO D 48 24.23 6.16 31.42
CA PRO D 48 25.53 5.53 31.59
C PRO D 48 26.12 5.12 30.24
N LEU D 49 27.43 5.34 30.09
CA LEU D 49 28.13 5.02 28.86
C LEU D 49 29.29 4.08 29.12
N GLN D 50 29.59 3.24 28.14
CA GLN D 50 30.74 2.38 28.25
C GLN D 50 32.02 3.24 28.27
N PRO D 51 33.11 2.70 28.83
CA PRO D 51 34.35 3.48 28.87
C PRO D 51 34.70 4.02 27.48
N SER D 52 35.31 5.20 27.47
CA SER D 52 35.62 5.90 26.24
C SER D 52 36.16 4.93 25.19
N SER D 53 35.49 4.86 24.05
CA SER D 53 35.84 3.93 23.00
C SER D 53 35.65 4.60 21.65
N THR D 54 36.12 3.93 20.60
CA THR D 54 35.91 4.43 19.24
C THR D 54 34.43 4.52 18.92
N MET D 55 33.63 3.55 19.38
CA MET D 55 32.19 3.60 19.12
C MET D 55 31.55 4.80 19.81
N GLY D 56 31.96 5.09 21.05
CA GLY D 56 31.52 6.30 21.69
C GLY D 56 31.91 7.53 20.90
N GLN D 57 33.11 7.50 20.31
CA GLN D 57 33.58 8.60 19.49
C GLN D 57 32.74 8.75 18.23
N VAL D 58 32.30 7.63 17.65
CA VAL D 58 31.43 7.68 16.48
C VAL D 58 30.14 8.41 16.82
N GLY D 59 29.45 7.98 17.88
CA GLY D 59 28.22 8.63 18.27
C GLY D 59 28.40 10.10 18.58
N ARG D 60 29.54 10.44 19.21
CA ARG D 60 29.81 11.84 19.53
C ARG D 60 30.01 12.66 18.27
N GLN D 61 30.72 12.12 17.29
CA GLN D 61 30.97 12.85 16.05
C GLN D 61 29.69 13.02 15.24
N LEU D 62 28.86 11.99 15.21
CA LEU D 62 27.60 12.07 14.46
C LEU D 62 26.66 13.09 15.08
N ALA D 63 26.73 13.29 16.40
CA ALA D 63 25.92 14.32 17.03
C ALA D 63 26.46 15.71 16.67
N ILE D 64 27.78 15.89 16.71
CA ILE D 64 28.36 17.20 16.46
C ILE D 64 28.15 17.62 15.01
N ILE D 65 28.31 16.68 14.07
CA ILE D 65 28.27 17.04 12.66
C ILE D 65 26.90 17.53 12.23
N GLY D 66 25.84 17.14 12.93
CA GLY D 66 24.50 17.57 12.60
C GLY D 66 23.95 18.72 13.40
N ASP D 67 24.73 19.27 14.33
CA ASP D 67 24.19 20.26 15.26
C ASP D 67 23.49 21.39 14.51
N ASP D 68 24.15 21.98 13.51
CA ASP D 68 23.56 23.09 12.78
C ASP D 68 22.29 22.65 12.08
N ILE D 69 22.37 21.55 11.32
CA ILE D 69 21.22 21.09 10.56
C ILE D 69 20.05 20.76 11.48
N ASN D 70 20.34 20.14 12.63
CA ASN D 70 19.26 19.69 13.50
C ASN D 70 18.43 20.85 14.03
N ARG D 71 19.07 21.96 14.36
CA ARG D 71 18.34 23.11 14.89
C ARG D 71 17.33 23.64 13.88
N ARG D 72 17.66 23.59 12.59
CA ARG D 72 16.75 24.12 11.58
C ARG D 72 15.47 23.28 11.49
N TYR D 73 15.54 22.00 11.81
CA TYR D 73 14.40 21.10 11.69
C TYR D 73 13.60 20.97 12.97
N ASP D 74 14.02 21.61 14.07
CA ASP D 74 13.31 21.44 15.33
C ASP D 74 11.84 21.83 15.19
N SER D 75 11.56 23.00 14.62
CA SER D 75 10.17 23.45 14.53
C SER D 75 9.31 22.45 13.77
N GLU D 76 9.84 21.90 12.68
CA GLU D 76 9.07 20.97 11.87
C GLU D 76 8.79 19.66 12.62
N PHE D 77 9.85 19.01 13.11
CA PHE D 77 9.65 17.72 13.77
C PHE D 77 8.78 17.87 15.01
N GLN D 78 8.97 18.94 15.77
CA GLN D 78 8.21 19.12 17.01
C GLN D 78 6.74 19.37 16.71
N THR D 79 6.43 20.07 15.63
CA THR D 79 5.04 20.25 15.25
C THR D 79 4.43 18.92 14.82
N MET D 80 5.17 18.13 14.05
CA MET D 80 4.62 16.88 13.54
C MET D 80 4.51 15.82 14.65
N LEU D 81 5.47 15.82 15.57
CA LEU D 81 5.38 14.90 16.70
C LEU D 81 4.22 15.28 17.63
N GLN D 82 3.98 16.57 17.83
CA GLN D 82 2.82 16.99 18.60
C GLN D 82 1.53 16.51 17.95
N HIS D 83 1.42 16.61 16.62
CA HIS D 83 0.24 16.09 15.94
C HIS D 83 0.19 14.56 16.00
N LEU D 84 1.34 13.89 16.04
CA LEU D 84 1.35 12.43 16.02
C LEU D 84 0.91 11.86 17.36
N GLN D 85 1.27 12.52 18.46
CA GLN D 85 0.94 12.06 19.80
C GLN D 85 1.36 10.61 20.01
N PRO D 86 2.64 10.28 19.86
CA PRO D 86 3.08 8.91 20.09
C PRO D 86 2.94 8.54 21.55
N THR D 87 2.59 7.27 21.80
CA THR D 87 2.39 6.74 23.14
C THR D 87 3.18 5.44 23.28
N ALA D 88 3.17 4.88 24.48
CA ALA D 88 3.83 3.60 24.70
C ALA D 88 3.23 2.50 23.83
N GLU D 89 1.94 2.58 23.54
CA GLU D 89 1.28 1.50 22.81
C GLU D 89 1.51 1.60 21.30
N ASN D 90 1.69 2.81 20.76
CA ASN D 90 1.79 3.01 19.32
C ASN D 90 3.17 3.48 18.87
N ALA D 91 4.10 3.73 19.79
CA ALA D 91 5.41 4.22 19.38
C ALA D 91 6.09 3.26 18.41
N TYR D 92 6.02 1.96 18.69
CA TYR D 92 6.67 0.98 17.84
C TYR D 92 6.10 0.99 16.43
N GLU D 93 4.78 0.95 16.31
CA GLU D 93 4.15 0.96 15.00
C GLU D 93 4.54 2.22 14.23
N TYR D 94 4.43 3.39 14.86
CA TYR D 94 4.73 4.64 14.17
C TYR D 94 6.18 4.68 13.73
N PHE D 95 7.10 4.27 14.61
CA PHE D 95 8.51 4.23 14.23
C PHE D 95 8.72 3.32 13.03
N THR D 96 8.11 2.13 13.05
CA THR D 96 8.35 1.15 12.00
C THR D 96 7.89 1.65 10.64
N LYS D 97 6.72 2.30 10.59
CA LYS D 97 6.23 2.82 9.31
C LYS D 97 7.08 4.00 8.83
N ILE D 98 7.48 4.88 9.75
CA ILE D 98 8.28 6.04 9.37
C ILE D 98 9.66 5.61 8.88
N ALA D 99 10.31 4.72 9.63
CA ALA D 99 11.63 4.26 9.23
C ALA D 99 11.57 3.46 7.95
N THR D 100 10.52 2.65 7.78
CA THR D 100 10.37 1.88 6.55
C THR D 100 10.32 2.82 5.34
N SER D 101 9.52 3.88 5.43
CA SER D 101 9.40 4.83 4.33
C SER D 101 10.73 5.54 4.07
N LEU D 102 11.50 5.81 5.12
CA LEU D 102 12.78 6.50 4.94
C LEU D 102 13.73 5.70 4.07
N PHE D 103 13.86 4.39 4.32
CA PHE D 103 14.83 3.55 3.64
C PHE D 103 14.26 2.81 2.44
N GLU D 104 13.02 3.12 2.03
CA GLU D 104 12.38 2.35 0.97
C GLU D 104 13.18 2.40 -0.32
N SER D 105 13.78 3.54 -0.62
CA SER D 105 14.51 3.72 -1.88
C SER D 105 16.01 3.42 -1.75
N GLY D 106 16.49 3.00 -0.59
CA GLY D 106 17.89 2.66 -0.45
C GLY D 106 18.50 3.09 0.86
N ILE D 107 19.72 2.62 1.11
CA ILE D 107 20.44 2.88 2.36
C ILE D 107 21.64 3.75 2.06
N ASN D 108 21.86 4.78 2.88
CA ASN D 108 23.08 5.57 2.81
C ASN D 108 23.36 6.15 4.19
N TRP D 109 24.57 6.68 4.36
CA TRP D 109 25.01 7.15 5.67
C TRP D 109 24.13 8.28 6.19
N GLY D 110 23.70 9.17 5.30
CA GLY D 110 22.79 10.22 5.74
C GLY D 110 21.52 9.68 6.36
N ARG D 111 20.95 8.64 5.74
CA ARG D 111 19.71 8.08 6.26
C ARG D 111 19.95 7.31 7.54
N VAL D 112 21.09 6.64 7.65
CA VAL D 112 21.46 5.95 8.89
C VAL D 112 21.52 6.94 10.04
N VAL D 113 22.15 8.09 9.82
CA VAL D 113 22.24 9.10 10.88
C VAL D 113 20.87 9.70 11.16
N ALA D 114 20.07 9.94 10.11
CA ALA D 114 18.72 10.46 10.32
C ALA D 114 17.88 9.51 11.17
N LEU D 115 18.08 8.19 11.01
CA LEU D 115 17.35 7.24 11.84
C LEU D 115 17.78 7.37 13.30
N LEU D 116 19.08 7.51 13.56
CA LEU D 116 19.53 7.77 14.92
C LEU D 116 18.88 9.03 15.47
N GLY D 117 18.84 10.10 14.65
CA GLY D 117 18.25 11.34 15.12
C GLY D 117 16.77 11.21 15.41
N PHE D 118 16.05 10.44 14.60
CA PHE D 118 14.63 10.26 14.85
C PHE D 118 14.41 9.49 16.15
N GLY D 119 15.23 8.47 16.40
CA GLY D 119 15.19 7.81 17.68
C GLY D 119 15.41 8.80 18.81
N TYR D 120 16.39 9.69 18.65
CA TYR D 120 16.61 10.74 19.63
C TYR D 120 15.37 11.61 19.79
N ARG D 121 14.84 12.11 18.67
CA ARG D 121 13.68 12.99 18.74
C ARG D 121 12.48 12.26 19.36
N LEU D 122 12.26 11.00 18.96
CA LEU D 122 11.12 10.27 19.51
C LEU D 122 11.27 10.04 21.00
N ALA D 123 12.47 9.59 21.43
CA ALA D 123 12.71 9.33 22.84
C ALA D 123 12.59 10.60 23.67
N LEU D 124 13.13 11.71 23.17
CA LEU D 124 13.04 12.97 23.90
C LEU D 124 11.60 13.44 23.98
N HIS D 125 10.86 13.31 22.89
CA HIS D 125 9.48 13.78 22.88
C HIS D 125 8.65 13.05 23.93
N VAL D 126 8.71 11.72 23.94
CA VAL D 126 7.86 10.96 24.86
C VAL D 126 8.26 11.26 26.30
N TYR D 127 9.55 11.43 26.57
CA TYR D 127 9.94 11.75 27.94
C TYR D 127 9.34 13.09 28.38
N GLN D 128 9.43 14.11 27.52
CA GLN D 128 8.89 15.42 27.85
C GLN D 128 7.40 15.39 28.13
N HIS D 129 6.69 14.35 27.66
CA HIS D 129 5.26 14.20 27.90
C HIS D 129 4.98 13.12 28.95
N GLY D 130 5.99 12.73 29.73
CA GLY D 130 5.78 11.95 30.93
C GLY D 130 6.17 10.50 30.84
N LEU D 131 6.50 9.99 29.65
CA LEU D 131 6.81 8.57 29.48
C LEU D 131 8.29 8.36 29.81
N THR D 132 8.55 8.04 31.07
CA THR D 132 9.90 7.76 31.53
C THR D 132 10.26 6.30 31.23
N GLY D 133 11.55 5.99 31.39
CA GLY D 133 12.02 4.63 31.27
C GLY D 133 11.80 3.99 29.92
N PHE D 134 11.70 4.80 28.86
CA PHE D 134 11.39 4.31 27.53
C PHE D 134 12.56 4.46 26.57
N LEU D 135 13.69 4.99 27.03
CA LEU D 135 14.84 5.16 26.14
C LEU D 135 15.36 3.82 25.66
N GLY D 136 15.31 2.79 26.50
CA GLY D 136 15.71 1.46 26.06
C GLY D 136 14.79 0.89 25.00
N GLN D 137 13.50 1.21 25.08
CA GLN D 137 12.55 0.76 24.05
C GLN D 137 12.87 1.39 22.70
N VAL D 138 13.17 2.69 22.70
CA VAL D 138 13.49 3.36 21.45
C VAL D 138 14.82 2.88 20.90
N THR D 139 15.81 2.67 21.78
CA THR D 139 17.06 2.08 21.33
C THR D 139 16.81 0.76 20.61
N ARG D 140 15.95 -0.07 21.18
CA ARG D 140 15.63 -1.36 20.56
C ARG D 140 14.93 -1.15 19.22
N PHE D 141 14.01 -0.19 19.14
CA PHE D 141 13.40 0.13 17.85
C PHE D 141 14.46 0.35 16.80
N VAL D 142 15.43 1.22 17.10
CA VAL D 142 16.48 1.56 16.16
C VAL D 142 17.32 0.34 15.85
N VAL D 143 17.78 -0.36 16.89
CA VAL D 143 18.66 -1.51 16.69
C VAL D 143 17.96 -2.59 15.88
N ASP D 144 16.75 -2.97 16.30
CA ASP D 144 16.06 -4.07 15.63
C ASP D 144 15.65 -3.70 14.21
N PHE D 145 15.23 -2.45 13.98
CA PHE D 145 14.86 -2.07 12.63
C PHE D 145 16.06 -2.23 11.68
N MET D 146 17.19 -1.66 12.06
CA MET D 146 18.39 -1.80 11.24
C MET D 146 18.72 -3.27 11.03
N LEU D 147 18.62 -4.07 12.09
CA LEU D 147 18.97 -5.47 11.98
C LEU D 147 18.02 -6.18 11.03
N HIS D 148 16.72 -5.89 11.11
CA HIS D 148 15.74 -6.60 10.31
C HIS D 148 15.59 -6.03 8.90
N HIS D 149 16.05 -4.81 8.63
CA HIS D 149 15.90 -4.20 7.33
C HIS D 149 17.23 -3.98 6.63
N SER D 150 18.18 -4.90 6.85
CA SER D 150 19.43 -5.00 6.09
C SER D 150 20.37 -3.82 6.32
N ILE D 151 20.09 -2.94 7.27
CA ILE D 151 20.97 -1.80 7.50
C ILE D 151 22.20 -2.22 8.30
N ALA D 152 22.01 -3.10 9.29
CA ALA D 152 23.15 -3.62 10.04
C ALA D 152 24.16 -4.29 9.11
N ARG D 153 23.67 -5.09 8.15
CA ARG D 153 24.58 -5.68 7.17
C ARG D 153 25.19 -4.62 6.28
N TRP D 154 24.39 -3.64 5.85
CA TRP D 154 24.94 -2.55 5.04
C TRP D 154 26.12 -1.90 5.74
N ILE D 155 25.99 -1.64 7.05
CA ILE D 155 27.09 -1.03 7.80
C ILE D 155 28.25 -2.00 7.94
N ALA D 156 27.97 -3.29 8.16
CA ALA D 156 29.04 -4.26 8.29
C ALA D 156 29.86 -4.34 7.02
N GLN D 157 29.20 -4.26 5.86
CA GLN D 157 29.91 -4.36 4.59
C GLN D 157 30.92 -3.23 4.42
N ARG D 158 30.66 -2.07 5.03
CA ARG D 158 31.57 -0.93 4.97
C ARG D 158 32.65 -0.97 6.04
N GLY D 159 32.73 -2.03 6.82
CA GLY D 159 33.73 -2.15 7.85
C GLY D 159 33.26 -1.85 9.26
N GLY D 160 31.95 -1.71 9.47
CA GLY D 160 31.41 -1.41 10.78
C GLY D 160 31.20 0.08 10.99
N TRP D 161 30.72 0.41 12.20
CA TRP D 161 30.45 1.79 12.55
C TRP D 161 31.71 2.65 12.52
N VAL D 162 32.89 2.05 12.55
CA VAL D 162 34.12 2.84 12.52
C VAL D 162 34.22 3.62 11.21
N ALA D 163 33.60 3.12 10.13
CA ALA D 163 33.61 3.83 8.86
C ALA D 163 32.87 5.16 8.94
N ALA D 164 31.93 5.30 9.87
CA ALA D 164 31.21 6.55 10.09
C ALA D 164 32.03 7.57 10.86
N LEU D 165 33.19 7.18 11.39
CA LEU D 165 33.93 8.06 12.28
C LEU D 165 34.49 9.29 11.58
N ASN D 166 34.79 9.21 10.28
CA ASN D 166 35.32 10.35 9.55
C ASN D 166 34.29 11.00 8.63
N LEU D 167 33.01 10.72 8.83
CA LEU D 167 31.97 11.37 8.03
C LEU D 167 31.91 12.85 8.37
N GLY D 168 32.01 13.70 7.34
CA GLY D 168 31.86 15.12 7.52
C GLY D 168 33.10 15.86 7.96
N ASN D 169 34.28 15.24 7.83
CA ASN D 169 35.52 15.91 8.19
C ASN D 169 35.98 16.79 7.03
CA SER E 2 -4.97 2.31 4.92
C SER E 2 -5.80 3.30 5.73
N LEU E 3 -5.27 4.52 5.87
CA LEU E 3 -5.98 5.55 6.63
C LEU E 3 -7.36 5.83 6.04
N LEU E 4 -7.43 5.97 4.71
CA LEU E 4 -8.70 6.27 4.08
C LEU E 4 -9.71 5.16 4.31
N GLU E 5 -9.28 3.90 4.21
CA GLU E 5 -10.20 2.79 4.45
C GLU E 5 -10.61 2.71 5.91
N LYS E 6 -9.70 3.01 6.83
CA LYS E 6 -10.05 3.01 8.24
C LYS E 6 -11.04 4.12 8.59
N LEU E 7 -10.93 5.27 7.92
CA LEU E 7 -11.92 6.33 8.11
C LEU E 7 -13.27 5.89 7.57
N ALA E 8 -13.28 5.26 6.40
CA ALA E 8 -14.53 4.72 5.87
C ALA E 8 -15.09 3.66 6.80
N GLU E 9 -14.23 2.88 7.46
CA GLU E 9 -14.71 1.88 8.41
C GLU E 9 -15.42 2.55 9.59
N GLU E 10 -14.80 3.60 10.14
CA GLU E 10 -15.42 4.32 11.23
C GLU E 10 -16.77 4.90 10.82
N LEU E 11 -16.88 5.33 9.56
CA LEU E 11 -18.14 5.92 9.08
C LEU E 11 -19.22 4.86 8.95
N ARG E 12 -18.86 3.65 8.52
CA ARG E 12 -19.84 2.56 8.50
C ARG E 12 -20.32 2.24 9.91
N GLN E 13 -19.40 2.22 10.88
CA GLN E 13 -19.79 1.92 12.25
C GLN E 13 -20.67 3.03 12.82
N LEU E 14 -20.31 4.30 12.56
CA LEU E 14 -21.20 5.39 12.92
C LEU E 14 -22.57 5.21 12.27
N ALA E 15 -22.59 4.92 10.97
CA ALA E 15 -23.85 4.74 10.26
C ALA E 15 -24.67 3.60 10.84
N ASP E 16 -24.00 2.55 11.32
CA ASP E 16 -24.71 1.44 11.93
C ASP E 16 -25.45 1.90 13.18
N GLU E 17 -24.78 2.67 14.04
CA GLU E 17 -25.44 3.13 15.26
C GLU E 17 -26.59 4.08 14.94
N LEU E 18 -26.41 4.94 13.93
CA LEU E 18 -27.49 5.84 13.53
C LEU E 18 -28.69 5.04 13.01
N ASN E 19 -28.43 4.03 12.18
CA ASN E 19 -29.53 3.24 11.64
C ASN E 19 -30.31 2.53 12.75
N LYS E 20 -29.61 2.03 13.77
CA LYS E 20 -30.30 1.40 14.89
C LYS E 20 -31.31 2.35 15.52
N LYS E 21 -30.92 3.61 15.71
CA LYS E 21 -31.87 4.58 16.23
C LYS E 21 -32.98 4.89 15.23
N PHE E 22 -32.68 4.84 13.92
CA PHE E 22 -33.70 5.14 12.93
C PHE E 22 -34.79 4.08 12.86
N GLU E 23 -34.51 2.86 13.32
CA GLU E 23 -35.50 1.79 13.29
C GLU E 23 -35.87 1.36 14.71
N SER F 2 -13.66 -27.82 -13.99
CA SER F 2 -13.72 -28.39 -12.61
C SER F 2 -13.19 -27.41 -11.57
N LEU F 3 -13.80 -27.41 -10.38
CA LEU F 3 -13.27 -26.61 -9.29
CA LEU F 3 -13.27 -26.61 -9.29
C LEU F 3 -11.85 -27.04 -8.94
N LEU F 4 -11.61 -28.35 -8.89
CA LEU F 4 -10.30 -28.84 -8.52
C LEU F 4 -9.24 -28.39 -9.52
N GLU F 5 -9.57 -28.44 -10.82
CA GLU F 5 -8.61 -28.01 -11.83
C GLU F 5 -8.37 -26.51 -11.77
N LYS F 6 -9.42 -25.73 -11.50
CA LYS F 6 -9.23 -24.29 -11.34
C LYS F 6 -8.40 -23.96 -10.11
N LEU F 7 -8.55 -24.76 -9.03
CA LEU F 7 -7.69 -24.56 -7.86
C LEU F 7 -6.25 -24.85 -8.21
N ALA F 8 -6.02 -25.96 -8.93
CA ALA F 8 -4.67 -26.27 -9.40
C ALA F 8 -4.15 -25.19 -10.34
N GLU F 9 -5.04 -24.62 -11.16
CA GLU F 9 -4.64 -23.57 -12.08
C GLU F 9 -4.13 -22.35 -11.32
N GLU F 10 -4.87 -21.93 -10.28
CA GLU F 10 -4.43 -20.81 -9.46
C GLU F 10 -3.08 -21.09 -8.79
N LEU F 11 -2.85 -22.36 -8.42
CA LEU F 11 -1.59 -22.72 -7.76
C LEU F 11 -0.43 -22.65 -8.74
N ARG F 12 -0.64 -23.02 -10.01
CA ARG F 12 0.41 -22.85 -11.01
C ARG F 12 0.76 -21.37 -11.18
N GLN F 13 -0.25 -20.51 -11.21
CA GLN F 13 0.01 -19.08 -11.36
C GLN F 13 0.72 -18.54 -10.12
N LEU F 14 0.28 -18.96 -8.94
CA LEU F 14 0.99 -18.61 -7.71
C LEU F 14 2.44 -19.08 -7.78
N ALA F 15 2.64 -20.34 -8.16
CA ALA F 15 4.00 -20.87 -8.24
C ALA F 15 4.85 -20.12 -9.24
N ASP F 16 4.25 -19.66 -10.34
CA ASP F 16 4.99 -18.88 -11.32
C ASP F 16 5.52 -17.58 -10.70
N GLU F 17 4.67 -16.87 -9.96
CA GLU F 17 5.11 -15.63 -9.35
C GLU F 17 6.17 -15.89 -8.29
N LEU F 18 6.05 -16.99 -7.54
CA LEU F 18 7.07 -17.34 -6.57
C LEU F 18 8.41 -17.62 -7.25
N ASN F 19 8.39 -18.36 -8.35
CA ASN F 19 9.64 -18.65 -9.05
C ASN F 19 10.32 -17.37 -9.53
N LYS F 20 9.52 -16.43 -10.05
CA LYS F 20 10.09 -15.16 -10.48
C LYS F 20 10.83 -14.47 -9.35
N LYS F 21 10.24 -14.46 -8.15
CA LYS F 21 10.93 -13.89 -7.00
C LYS F 21 12.16 -14.71 -6.63
N PHE F 22 12.11 -16.03 -6.85
CA PHE F 22 13.25 -16.89 -6.55
C PHE F 22 14.40 -16.72 -7.53
N GLU F 23 14.19 -15.98 -8.62
CA GLU F 23 15.25 -15.76 -9.61
C GLU F 23 16.05 -14.51 -9.26
N SER G 2 19.93 -10.11 -21.07
CA SER G 2 20.27 -8.71 -21.30
C SER G 2 19.26 -7.80 -20.62
N LEU G 3 19.57 -6.51 -20.51
CA LEU G 3 18.63 -5.55 -19.96
C LEU G 3 17.36 -5.49 -20.82
N LEU G 4 17.52 -5.29 -22.13
CA LEU G 4 16.36 -5.22 -23.01
C LEU G 4 15.49 -6.46 -22.87
N GLU G 5 16.11 -7.63 -22.77
CA GLU G 5 15.32 -8.85 -22.63
C GLU G 5 14.61 -8.88 -21.28
N LYS G 6 15.25 -8.34 -20.24
CA LYS G 6 14.59 -8.26 -18.94
C LYS G 6 13.40 -7.32 -18.99
N LEU G 7 13.51 -6.23 -19.76
CA LEU G 7 12.39 -5.32 -19.93
C LEU G 7 11.23 -5.99 -20.64
N ALA G 8 11.51 -6.71 -21.73
CA ALA G 8 10.46 -7.46 -22.40
C ALA G 8 9.88 -8.52 -21.48
N GLU G 9 10.71 -9.14 -20.62
CA GLU G 9 10.22 -10.15 -19.71
C GLU G 9 9.22 -9.56 -18.72
N GLU G 10 9.55 -8.41 -18.11
CA GLU G 10 8.62 -7.77 -17.19
C GLU G 10 7.31 -7.43 -17.91
N LEU G 11 7.39 -7.05 -19.19
CA LEU G 11 6.19 -6.72 -19.93
C LEU G 11 5.34 -7.96 -20.20
N ARG G 12 5.98 -9.10 -20.47
CA ARG G 12 5.22 -10.34 -20.61
C ARG G 12 4.50 -10.70 -19.32
N GLN G 13 5.19 -10.55 -18.18
CA GLN G 13 4.56 -10.89 -16.90
C GLN G 13 3.42 -9.94 -16.57
N LEU G 14 3.62 -8.64 -16.78
CA LEU G 14 2.54 -7.68 -16.60
C LEU G 14 1.38 -8.03 -17.52
N ALA G 15 1.66 -8.30 -18.80
CA ALA G 15 0.60 -8.64 -19.73
C ALA G 15 -0.17 -9.88 -19.27
N ASP G 16 0.53 -10.84 -18.68
CA ASP G 16 -0.15 -12.03 -18.15
C ASP G 16 -1.13 -11.64 -17.05
N GLU G 17 -0.72 -10.75 -16.14
CA GLU G 17 -1.64 -10.34 -15.09
C GLU G 17 -2.81 -9.57 -15.66
N LEU G 18 -2.58 -8.75 -16.69
CA LEU G 18 -3.69 -8.06 -17.33
C LEU G 18 -4.65 -9.06 -17.96
N ASN G 19 -4.11 -10.06 -18.66
CA ASN G 19 -4.97 -11.05 -19.28
C ASN G 19 -5.85 -11.75 -18.25
N LYS G 20 -5.27 -12.05 -17.08
CA LYS G 20 -6.06 -12.65 -16.01
C LYS G 20 -7.24 -11.75 -15.63
N LYS G 21 -7.00 -10.46 -15.49
CA LYS G 21 -8.11 -9.55 -15.19
C LYS G 21 -9.12 -9.55 -16.31
N PHE G 22 -8.67 -9.73 -17.56
CA PHE G 22 -9.56 -9.76 -18.71
C PHE G 22 -10.40 -11.03 -18.75
N GLU G 23 -9.86 -12.15 -18.30
CA GLU G 23 -10.56 -13.43 -18.35
C GLU G 23 -11.87 -13.37 -17.57
N SER H 2 0.35 11.53 4.28
CA SER H 2 0.05 11.21 5.67
C SER H 2 1.03 11.88 6.63
N LEU H 3 0.64 11.97 7.91
CA LEU H 3 1.57 12.46 8.92
C LEU H 3 2.83 11.64 8.95
N LEU H 4 2.68 10.31 9.01
CA LEU H 4 3.83 9.42 9.05
C LEU H 4 4.69 9.57 7.80
N GLU H 5 4.05 9.68 6.63
CA GLU H 5 4.80 9.83 5.38
C GLU H 5 5.52 11.18 5.34
N LYS H 6 4.89 12.22 5.87
CA LYS H 6 5.58 13.51 5.93
C LYS H 6 6.77 13.47 6.88
N LEU H 7 6.66 12.70 7.96
CA LEU H 7 7.79 12.53 8.87
C LEU H 7 8.94 11.85 8.17
N ALA H 8 8.64 10.80 7.38
CA ALA H 8 9.68 10.16 6.58
C ALA H 8 10.25 11.14 5.56
N GLU H 9 9.42 12.02 5.02
CA GLU H 9 9.91 13.00 4.06
C GLU H 9 10.89 13.97 4.72
N GLU H 10 10.53 14.50 5.89
CA GLU H 10 11.45 15.40 6.58
C GLU H 10 12.78 14.69 6.86
N LEU H 11 12.73 13.40 7.17
CA LEU H 11 13.96 12.67 7.46
C LEU H 11 14.79 12.47 6.19
N ARG H 12 14.12 12.25 5.05
CA ARG H 12 14.87 12.17 3.79
C ARG H 12 15.55 13.50 3.48
N GLN H 13 14.86 14.61 3.71
CA GLN H 13 15.45 15.92 3.44
C GLN H 13 16.62 16.20 4.38
N LEU H 14 16.45 15.89 5.67
CA LEU H 14 17.57 16.00 6.62
C LEU H 14 18.72 15.10 6.18
N ALA H 15 18.42 13.84 5.85
CA ALA H 15 19.47 12.92 5.44
C ALA H 15 20.20 13.43 4.20
N ASP H 16 19.49 14.10 3.29
CA ASP H 16 20.13 14.67 2.11
C ASP H 16 21.16 15.73 2.50
N GLU H 17 20.80 16.59 3.45
CA GLU H 17 21.74 17.63 3.88
C GLU H 17 22.96 17.01 4.56
N LEU H 18 22.76 15.95 5.34
CA LEU H 18 23.90 15.27 5.94
C LEU H 18 24.81 14.68 4.87
N ASN H 19 24.22 14.04 3.85
CA ASN H 19 25.04 13.45 2.80
C ASN H 19 25.86 14.50 2.07
N LYS H 20 25.27 15.66 1.79
CA LYS H 20 26.05 16.73 1.17
C LYS H 20 27.20 17.14 2.08
N LYS H 21 26.93 17.27 3.38
CA LYS H 21 27.98 17.62 4.33
C LYS H 21 29.06 16.54 4.36
N PHE H 22 28.69 15.29 4.09
CA PHE H 22 29.64 14.20 4.04
C PHE H 22 30.51 14.35 2.80
#